data_8ATH
#
_entry.id   8ATH
#
_cell.length_a   149.932
_cell.length_b   93.68
_cell.length_c   108.009
_cell.angle_alpha   90
_cell.angle_beta   115.93
_cell.angle_gamma   90
#
_symmetry.space_group_name_H-M   'C 1 2 1'
#
loop_
_entity.id
_entity.type
_entity.pdbx_description
1 polymer 'Lysosome-associated membrane glycoprotein 1'
2 polymer 'Fab B Heavy Chain'
3 polymer 'Fab B Light Chain'
4 water water
#
loop_
_entity_poly.entity_id
_entity_poly.type
_entity_poly.pdbx_seq_one_letter_code
_entity_poly.pdbx_strand_id
1 'polypeptide(L)'
;GSHMAMFMVKNGNGTACIMANFSAAFSVNYDTKSGPKNMTFDLPSDATVVLNRSSCGKENTSDPSLVIAFGRGHTLTLNF
TRNATRYSVQLMSFVYNLSDTHLFPNASSKEIKTVESITDIRADIDKKYRCVSGTQVHMNNVTVTLHDATIQAYLSNSSF
SRGETRCEQDR
;
A,B
2 'polypeptide(L)'
;QVQLVQSGAEVKKPGSSVKVSCKASGYIFTNYNIHWVKKSPGQGLEWIGAIYPGNGDAPYSQKFQGKATLTADTSTSTTY
MELSSLRSEDTAVYYCVRANWDVAFAYWGQGTLVTVSSASTKGPSVFPLAPSSKSTSGGTAALGCLVKDYFPEPVTVSWN
SGALTSGVHTFPAVLQSSGLYSLSSVVTVPSSSLGTQTYICNVNHKPSNTKVDKKVEPKSCDKTHTASHHHHHH
;
E,H
3 'polypeptide(L)'
;DIQMTQSPSSLSASVGDRVTITCKASQDIDRYMAWYQDKPGKAPRLLIHDTSTLQSGVPSRFSGSGSGRDYTLTISNLEP
EDFATYYCLQYDNLWTFGGGTKVEIKRTVAAPSVFIFPPSDEQLKSGTASVVCLLNNFYPREAKVQWKVDNALQSGNSQE
SVTEQDSKDSTYSLSSTLTLSKADYEKHKVYACEVTHQGLSSPVTKSFNRGEC
;
F,L
#
# COMPACT_ATOMS: atom_id res chain seq x y z
N MET A 4 -22.88 -30.40 -0.38
CA MET A 4 -21.61 -31.06 -0.72
C MET A 4 -21.28 -32.23 0.26
N ALA A 5 -21.28 -31.95 1.57
CA ALA A 5 -21.01 -32.98 2.58
C ALA A 5 -22.12 -32.95 3.66
N MET A 6 -22.23 -34.03 4.49
CA MET A 6 -23.23 -34.08 5.55
C MET A 6 -22.95 -32.98 6.57
N PHE A 7 -21.68 -32.74 6.88
CA PHE A 7 -21.30 -31.73 7.86
C PHE A 7 -20.23 -30.85 7.29
N MET A 8 -20.48 -29.55 7.32
CA MET A 8 -19.54 -28.58 6.80
C MET A 8 -19.34 -27.42 7.76
N VAL A 9 -18.10 -26.96 7.87
CA VAL A 9 -17.73 -25.79 8.65
C VAL A 9 -17.28 -24.76 7.62
N LYS A 10 -17.91 -23.59 7.61
CA LYS A 10 -17.57 -22.57 6.62
C LYS A 10 -16.74 -21.44 7.18
N ASN A 11 -15.86 -20.93 6.34
CA ASN A 11 -14.97 -19.82 6.62
C ASN A 11 -15.76 -18.50 6.38
N GLY A 12 -15.20 -17.36 6.78
CA GLY A 12 -15.81 -16.05 6.59
C GLY A 12 -16.25 -15.79 5.16
N ASN A 13 -15.43 -16.22 4.17
CA ASN A 13 -15.72 -16.03 2.75
C ASN A 13 -16.70 -17.07 2.15
N GLY A 14 -17.37 -17.85 3.00
CA GLY A 14 -18.33 -18.84 2.56
C GLY A 14 -17.74 -20.13 2.00
N THR A 15 -16.42 -20.30 2.11
CA THR A 15 -15.75 -21.50 1.63
C THR A 15 -15.59 -22.53 2.76
N ALA A 16 -15.85 -23.81 2.48
CA ALA A 16 -15.69 -24.85 3.48
C ALA A 16 -14.21 -24.98 3.87
N CYS A 17 -13.97 -25.17 5.17
CA CYS A 17 -12.64 -25.38 5.73
C CYS A 17 -12.51 -26.82 6.29
N ILE A 18 -13.65 -27.45 6.64
CA ILE A 18 -13.83 -28.81 7.11
C ILE A 18 -15.10 -29.33 6.46
N MET A 19 -15.05 -30.58 5.98
CA MET A 19 -16.15 -31.30 5.37
C MET A 19 -16.08 -32.75 5.81
N ALA A 20 -17.24 -33.35 6.10
CA ALA A 20 -17.28 -34.73 6.56
C ALA A 20 -18.58 -35.44 6.28
N ASN A 21 -18.44 -36.69 5.90
CA ASN A 21 -19.53 -37.62 5.72
C ASN A 21 -19.18 -38.81 6.61
N PHE A 22 -20.18 -39.40 7.20
CA PHE A 22 -20.05 -40.61 8.03
C PHE A 22 -21.38 -40.95 8.64
N SER A 23 -21.54 -42.20 9.04
CA SER A 23 -22.70 -42.61 9.79
C SER A 23 -22.14 -43.13 11.14
N ALA A 24 -22.38 -42.41 12.23
CA ALA A 24 -21.83 -42.74 13.54
C ALA A 24 -22.68 -43.69 14.39
N ALA A 25 -22.10 -44.82 14.82
CA ALA A 25 -22.75 -45.80 15.70
C ALA A 25 -22.16 -45.68 17.13
N PHE A 26 -23.01 -45.42 18.12
CA PHE A 26 -22.62 -45.28 19.53
C PHE A 26 -23.03 -46.51 20.34
N SER A 27 -22.28 -46.78 21.40
CA SER A 27 -22.53 -47.87 22.37
C SER A 27 -22.15 -47.25 23.69
N VAL A 28 -23.12 -47.12 24.61
CA VAL A 28 -22.90 -46.42 25.86
C VAL A 28 -23.30 -47.25 27.05
N ASN A 29 -22.33 -47.59 27.90
CA ASN A 29 -22.60 -48.31 29.14
C ASN A 29 -22.98 -47.21 30.14
N TYR A 30 -24.22 -47.22 30.64
CA TYR A 30 -24.66 -46.22 31.60
C TYR A 30 -25.23 -46.84 32.90
N ASP A 31 -25.25 -46.07 33.97
CA ASP A 31 -25.73 -46.51 35.28
C ASP A 31 -27.25 -46.37 35.41
N THR A 32 -27.94 -47.49 35.64
CA THR A 32 -29.38 -47.46 35.81
C THR A 32 -29.76 -47.86 37.26
N LYS A 33 -31.01 -47.55 37.65
CA LYS A 33 -31.58 -47.89 38.94
C LYS A 33 -31.70 -49.40 39.16
N SER A 34 -31.66 -50.20 38.09
CA SER A 34 -31.70 -51.65 38.18
C SER A 34 -30.37 -52.31 37.74
N GLY A 35 -29.28 -51.54 37.66
CA GLY A 35 -27.99 -52.09 37.26
C GLY A 35 -27.31 -51.38 36.10
N PRO A 36 -26.19 -51.96 35.63
CA PRO A 36 -25.48 -51.32 34.51
C PRO A 36 -26.06 -51.79 33.18
N LYS A 37 -26.44 -50.83 32.31
CA LYS A 37 -27.00 -51.22 31.03
C LYS A 37 -26.21 -50.71 29.83
N ASN A 38 -26.19 -51.50 28.74
CA ASN A 38 -25.56 -51.07 27.47
C ASN A 38 -26.64 -50.46 26.56
N MET A 39 -26.33 -49.34 25.88
CA MET A 39 -27.29 -48.72 24.95
C MET A 39 -26.65 -48.38 23.56
N THR A 40 -27.19 -48.93 22.47
CA THR A 40 -26.70 -48.63 21.12
C THR A 40 -27.65 -47.72 20.35
N PHE A 41 -27.11 -46.78 19.57
CA PHE A 41 -27.89 -45.86 18.77
C PHE A 41 -27.02 -45.23 17.68
N ASP A 42 -27.65 -44.65 16.65
CA ASP A 42 -26.93 -43.97 15.60
C ASP A 42 -27.04 -42.48 15.75
N LEU A 43 -26.12 -41.74 15.11
CA LEU A 43 -26.20 -40.29 15.06
C LEU A 43 -27.38 -40.03 14.11
N PRO A 44 -28.43 -39.36 14.61
CA PRO A 44 -29.66 -39.21 13.80
C PRO A 44 -29.48 -38.48 12.48
N SER A 45 -30.32 -38.80 11.51
CA SER A 45 -30.28 -38.12 10.20
C SER A 45 -30.57 -36.61 10.27
N ASP A 46 -31.05 -36.13 11.44
CA ASP A 46 -31.37 -34.72 11.67
C ASP A 46 -30.32 -34.00 12.54
N ALA A 47 -29.13 -34.61 12.77
CA ALA A 47 -28.06 -33.95 13.53
C ALA A 47 -27.55 -32.75 12.69
N THR A 48 -27.23 -31.63 13.35
CA THR A 48 -26.80 -30.43 12.62
C THR A 48 -25.49 -29.87 13.16
N VAL A 49 -24.77 -29.12 12.32
CA VAL A 49 -23.54 -28.47 12.73
C VAL A 49 -23.89 -27.24 13.55
N VAL A 50 -23.29 -27.12 14.74
CA VAL A 50 -23.46 -25.97 15.63
C VAL A 50 -22.53 -24.90 15.08
N LEU A 51 -23.07 -23.86 14.45
CA LEU A 51 -22.27 -22.81 13.85
C LEU A 51 -21.44 -21.97 14.79
N ASN A 52 -21.93 -21.70 16.00
CA ASN A 52 -21.20 -20.84 16.94
C ASN A 52 -20.05 -21.54 17.66
N ARG A 53 -20.09 -22.87 17.71
CA ARG A 53 -19.05 -23.62 18.40
C ARG A 53 -18.05 -24.26 17.43
N SER A 54 -18.41 -24.42 16.14
CA SER A 54 -17.52 -24.90 15.10
C SER A 54 -16.53 -23.78 14.75
N SER A 55 -15.31 -24.17 14.34
CA SER A 55 -14.26 -23.18 14.08
C SER A 55 -13.36 -23.60 12.95
N CYS A 56 -12.88 -22.64 12.20
CA CYS A 56 -11.86 -22.90 11.16
C CYS A 56 -10.45 -22.62 11.69
N GLY A 57 -10.31 -22.27 12.97
CA GLY A 57 -9.05 -21.87 13.53
C GLY A 57 -9.01 -20.37 13.64
N LYS A 58 -8.30 -19.88 14.65
CA LYS A 58 -8.11 -18.47 14.91
C LYS A 58 -6.64 -18.30 15.24
N GLU A 59 -6.00 -17.24 14.72
CA GLU A 59 -4.57 -17.03 14.97
C GLU A 59 -4.25 -16.93 16.47
N ASN A 60 -3.43 -17.89 16.96
CA ASN A 60 -2.98 -18.00 18.35
C ASN A 60 -4.08 -18.45 19.34
N THR A 61 -5.35 -18.26 18.99
CA THR A 61 -6.48 -18.55 19.87
C THR A 61 -6.97 -20.01 19.85
N SER A 62 -7.36 -20.54 18.67
CA SER A 62 -7.91 -21.89 18.62
C SER A 62 -7.50 -22.68 17.36
N ASP A 63 -7.96 -23.94 17.28
CA ASP A 63 -7.70 -24.84 16.18
C ASP A 63 -9.05 -25.27 15.57
N PRO A 64 -9.06 -25.78 14.32
CA PRO A 64 -10.32 -26.16 13.69
C PRO A 64 -11.13 -27.20 14.47
N SER A 65 -12.46 -27.04 14.48
CA SER A 65 -13.36 -27.98 15.13
C SER A 65 -14.67 -28.12 14.41
N LEU A 66 -15.23 -29.33 14.43
CA LEU A 66 -16.54 -29.58 13.86
C LEU A 66 -17.39 -29.98 15.06
N VAL A 67 -18.42 -29.19 15.38
CA VAL A 67 -19.31 -29.55 16.49
C VAL A 67 -20.66 -29.93 15.94
N ILE A 68 -21.11 -31.18 16.20
CA ILE A 68 -22.40 -31.69 15.74
C ILE A 68 -23.36 -31.85 16.91
N ALA A 69 -24.56 -31.25 16.81
CA ALA A 69 -25.59 -31.36 17.83
C ALA A 69 -26.62 -32.37 17.42
N PHE A 70 -26.99 -33.25 18.35
CA PHE A 70 -28.00 -34.26 18.08
C PHE A 70 -28.88 -34.58 19.29
N GLY A 71 -30.07 -35.14 19.01
CA GLY A 71 -31.05 -35.55 20.00
C GLY A 71 -31.37 -34.53 21.08
N ARG A 72 -31.47 -35.02 22.32
CA ARG A 72 -31.84 -34.17 23.44
C ARG A 72 -30.65 -33.66 24.24
N GLY A 73 -29.94 -32.68 23.68
CA GLY A 73 -28.79 -32.03 24.31
C GLY A 73 -27.42 -32.68 24.16
N HIS A 74 -27.20 -33.45 23.08
CA HIS A 74 -25.93 -34.16 22.87
C HIS A 74 -25.08 -33.51 21.80
N THR A 75 -23.74 -33.63 21.92
CA THR A 75 -22.80 -33.11 20.94
C THR A 75 -21.65 -34.07 20.70
N LEU A 76 -21.19 -34.13 19.44
CA LEU A 76 -20.02 -34.89 19.01
C LEU A 76 -19.10 -33.87 18.34
N THR A 77 -17.89 -33.68 18.88
CA THR A 77 -16.92 -32.72 18.41
C THR A 77 -15.67 -33.43 17.90
N LEU A 78 -15.12 -32.88 16.80
CA LEU A 78 -13.92 -33.34 16.13
C LEU A 78 -12.98 -32.17 16.11
N ASN A 79 -11.92 -32.23 16.90
CA ASN A 79 -10.90 -31.20 16.95
C ASN A 79 -9.70 -31.63 16.10
N PHE A 80 -9.25 -30.76 15.21
CA PHE A 80 -8.15 -31.07 14.32
C PHE A 80 -6.84 -30.39 14.69
N THR A 81 -5.75 -31.07 14.36
CA THR A 81 -4.37 -30.60 14.52
C THR A 81 -3.57 -31.01 13.27
N ARG A 82 -2.43 -30.40 13.03
CA ARG A 82 -1.62 -30.69 11.85
C ARG A 82 -0.17 -30.28 12.00
N ASN A 83 0.67 -30.71 11.06
CA ASN A 83 2.02 -30.22 10.95
C ASN A 83 2.16 -29.78 9.46
N ALA A 84 3.37 -29.77 8.83
CA ALA A 84 3.49 -29.32 7.45
C ALA A 84 2.87 -30.31 6.44
N THR A 85 2.88 -31.63 6.77
CA THR A 85 2.41 -32.65 5.82
C THR A 85 1.24 -33.51 6.24
N ARG A 86 0.89 -33.57 7.52
CA ARG A 86 -0.15 -34.45 8.01
C ARG A 86 -1.14 -33.76 8.92
N TYR A 87 -2.36 -34.30 9.03
CA TYR A 87 -3.38 -33.74 9.93
C TYR A 87 -4.19 -34.87 10.58
N SER A 88 -4.79 -34.61 11.73
CA SER A 88 -5.57 -35.63 12.43
C SER A 88 -6.69 -35.05 13.30
N VAL A 89 -7.61 -35.91 13.72
CA VAL A 89 -8.62 -35.50 14.68
C VAL A 89 -7.91 -35.85 16.00
N GLN A 90 -7.24 -34.86 16.55
CA GLN A 90 -6.45 -34.99 17.77
C GLN A 90 -7.31 -35.33 18.99
N LEU A 91 -8.56 -34.87 19.00
CA LEU A 91 -9.46 -35.10 20.11
C LEU A 91 -10.88 -35.18 19.64
N MET A 92 -11.56 -36.28 19.99
CA MET A 92 -12.99 -36.46 19.73
C MET A 92 -13.68 -36.29 21.06
N SER A 93 -14.66 -35.38 21.13
CA SER A 93 -15.40 -35.20 22.37
C SER A 93 -16.86 -35.62 22.21
N PHE A 94 -17.32 -36.37 23.19
CA PHE A 94 -18.70 -36.79 23.22
C PHE A 94 -19.36 -36.25 24.51
N VAL A 95 -20.36 -35.39 24.34
CA VAL A 95 -21.10 -34.84 25.46
C VAL A 95 -22.54 -35.39 25.37
N TYR A 96 -22.95 -36.16 26.38
CA TYR A 96 -24.28 -36.77 26.38
C TYR A 96 -25.05 -36.52 27.65
N ASN A 97 -26.28 -36.03 27.48
CA ASN A 97 -27.19 -35.73 28.56
C ASN A 97 -27.85 -37.01 28.99
N LEU A 98 -27.56 -37.46 30.22
CA LEU A 98 -28.19 -38.68 30.73
C LEU A 98 -29.69 -38.50 31.05
N SER A 99 -30.21 -37.26 31.04
CA SER A 99 -31.63 -37.02 31.27
C SER A 99 -32.51 -37.19 29.98
N ASP A 100 -31.93 -37.72 28.90
CA ASP A 100 -32.66 -38.01 27.67
C ASP A 100 -33.20 -39.42 27.91
N THR A 101 -34.53 -39.54 28.12
CA THR A 101 -35.16 -40.83 28.43
C THR A 101 -35.29 -41.77 27.24
N HIS A 102 -35.14 -41.23 26.00
CA HIS A 102 -35.21 -42.06 24.80
C HIS A 102 -33.95 -42.91 24.68
N LEU A 103 -32.77 -42.29 24.78
CA LEU A 103 -31.52 -43.03 24.70
C LEU A 103 -31.15 -43.63 26.06
N PHE A 104 -31.49 -42.94 27.16
CA PHE A 104 -31.12 -43.42 28.49
C PHE A 104 -32.28 -43.59 29.48
N PRO A 105 -33.15 -44.59 29.28
CA PRO A 105 -34.23 -44.83 30.26
C PRO A 105 -33.72 -45.50 31.54
N ASN A 106 -34.34 -45.18 32.70
CA ASN A 106 -34.02 -45.72 34.03
C ASN A 106 -32.64 -45.29 34.54
N ALA A 107 -32.05 -44.23 33.95
CA ALA A 107 -30.73 -43.76 34.34
C ALA A 107 -30.75 -43.20 35.76
N SER A 108 -29.91 -43.74 36.68
CA SER A 108 -29.90 -43.24 38.05
C SER A 108 -29.27 -41.83 38.22
N SER A 109 -28.61 -41.34 37.19
CA SER A 109 -27.99 -40.04 37.17
C SER A 109 -28.64 -39.23 36.05
N LYS A 110 -28.93 -37.94 36.28
CA LYS A 110 -29.39 -37.07 35.19
C LYS A 110 -28.25 -36.13 34.73
N GLU A 111 -27.00 -36.58 34.89
CA GLU A 111 -25.82 -35.83 34.59
C GLU A 111 -25.50 -35.68 33.13
N ILE A 112 -24.82 -34.59 32.82
CA ILE A 112 -24.33 -34.36 31.49
C ILE A 112 -22.92 -34.92 31.55
N LYS A 113 -22.67 -36.04 30.83
CA LYS A 113 -21.34 -36.64 30.80
C LYS A 113 -20.51 -36.17 29.59
N THR A 114 -19.21 -35.96 29.81
CA THR A 114 -18.27 -35.56 28.77
C THR A 114 -17.09 -36.54 28.74
N VAL A 115 -16.94 -37.25 27.61
CA VAL A 115 -15.85 -38.22 27.36
C VAL A 115 -15.00 -37.77 26.17
N GLU A 116 -13.68 -38.04 26.23
CA GLU A 116 -12.73 -37.56 25.23
C GLU A 116 -11.67 -38.60 24.92
N SER A 117 -11.18 -38.58 23.68
CA SER A 117 -10.16 -39.50 23.25
C SER A 117 -9.39 -39.04 22.01
N ILE A 118 -8.12 -39.47 21.95
CA ILE A 118 -7.29 -39.27 20.79
C ILE A 118 -7.82 -40.29 19.75
N THR A 119 -7.93 -39.89 18.48
CA THR A 119 -8.44 -40.81 17.44
C THR A 119 -7.34 -41.28 16.51
N ASP A 120 -7.59 -42.36 15.74
CA ASP A 120 -6.65 -42.76 14.71
C ASP A 120 -7.04 -42.11 13.34
N ILE A 121 -7.90 -41.07 13.34
CA ILE A 121 -8.32 -40.40 12.12
C ILE A 121 -7.21 -39.47 11.69
N ARG A 122 -6.45 -39.86 10.67
CA ARG A 122 -5.37 -39.06 10.18
C ARG A 122 -5.15 -39.23 8.70
N ALA A 123 -4.71 -38.17 8.06
CA ALA A 123 -4.49 -38.16 6.63
C ALA A 123 -3.36 -37.20 6.29
N ASP A 124 -2.83 -37.31 5.06
CA ASP A 124 -1.88 -36.34 4.56
C ASP A 124 -2.65 -35.06 4.29
N ILE A 125 -1.99 -33.90 4.47
CA ILE A 125 -2.52 -32.59 4.12
C ILE A 125 -2.81 -32.58 2.61
N ASP A 126 -3.99 -32.05 2.20
CA ASP A 126 -4.45 -32.03 0.81
C ASP A 126 -4.99 -33.39 0.33
N LYS A 127 -5.22 -34.33 1.25
CA LYS A 127 -5.87 -35.61 1.00
C LYS A 127 -6.97 -35.73 2.04
N LYS A 128 -8.03 -36.47 1.73
CA LYS A 128 -9.10 -36.68 2.69
C LYS A 128 -8.89 -38.01 3.37
N TYR A 129 -9.33 -38.13 4.64
CA TYR A 129 -9.32 -39.38 5.38
C TYR A 129 -10.48 -40.21 4.83
N ARG A 130 -10.26 -41.49 4.58
CA ARG A 130 -11.29 -42.36 4.08
C ARG A 130 -11.33 -43.65 4.86
N CYS A 131 -12.52 -44.06 5.31
CA CYS A 131 -12.69 -45.32 6.04
C CYS A 131 -14.07 -45.84 5.83
N VAL A 132 -14.22 -46.83 4.95
CA VAL A 132 -15.53 -47.44 4.71
C VAL A 132 -15.92 -48.41 5.84
N SER A 133 -15.01 -49.35 6.24
CA SER A 133 -15.33 -50.34 7.27
C SER A 133 -15.66 -49.73 8.65
N GLY A 134 -15.22 -48.52 8.91
CA GLY A 134 -15.55 -47.84 10.15
C GLY A 134 -14.43 -47.73 11.15
N THR A 135 -14.21 -46.51 11.64
CA THR A 135 -13.16 -46.26 12.61
C THR A 135 -13.73 -46.26 14.03
N GLN A 136 -13.08 -46.99 14.95
CA GLN A 136 -13.54 -47.08 16.33
C GLN A 136 -12.79 -46.15 17.25
N VAL A 137 -13.53 -45.44 18.08
CA VAL A 137 -13.00 -44.51 19.08
C VAL A 137 -13.49 -45.03 20.43
N HIS A 138 -12.57 -45.46 21.31
CA HIS A 138 -12.92 -45.96 22.65
C HIS A 138 -12.68 -44.88 23.67
N MET A 139 -13.74 -44.49 24.36
CA MET A 139 -13.73 -43.52 25.47
C MET A 139 -14.23 -44.28 26.72
N ASN A 140 -14.29 -43.62 27.88
CA ASN A 140 -14.78 -44.28 29.10
C ASN A 140 -16.25 -44.58 28.94
N ASN A 141 -16.61 -45.89 28.94
CA ASN A 141 -17.98 -46.39 28.80
C ASN A 141 -18.61 -46.15 27.41
N VAL A 142 -17.86 -45.58 26.46
CA VAL A 142 -18.39 -45.24 25.14
C VAL A 142 -17.51 -45.78 24.01
N THR A 143 -18.12 -46.34 22.98
CA THR A 143 -17.45 -46.73 21.75
C THR A 143 -18.17 -45.95 20.65
N VAL A 144 -17.41 -45.23 19.82
CA VAL A 144 -17.99 -44.50 18.68
C VAL A 144 -17.39 -45.11 17.42
N THR A 145 -18.21 -45.74 16.58
CA THR A 145 -17.75 -46.27 15.32
C THR A 145 -18.24 -45.37 14.17
N LEU A 146 -17.33 -44.72 13.43
CA LEU A 146 -17.70 -43.91 12.25
C LEU A 146 -17.64 -44.78 10.99
N HIS A 147 -18.80 -45.11 10.41
CA HIS A 147 -18.90 -45.94 9.20
C HIS A 147 -18.97 -45.08 7.94
N ASP A 148 -18.43 -45.57 6.81
CA ASP A 148 -18.42 -44.88 5.52
C ASP A 148 -17.96 -43.41 5.66
N ALA A 149 -16.81 -43.25 6.28
CA ALA A 149 -16.26 -41.94 6.57
C ALA A 149 -15.36 -41.35 5.46
N THR A 150 -15.54 -40.06 5.21
CA THR A 150 -14.74 -39.25 4.33
C THR A 150 -14.67 -37.95 5.08
N ILE A 151 -13.49 -37.62 5.61
CA ILE A 151 -13.34 -36.42 6.41
C ILE A 151 -12.15 -35.64 5.91
N GLN A 152 -12.26 -34.32 5.83
CA GLN A 152 -11.13 -33.47 5.43
C GLN A 152 -11.19 -32.10 6.08
N ALA A 153 -10.04 -31.64 6.58
CA ALA A 153 -9.84 -30.36 7.22
C ALA A 153 -8.77 -29.58 6.44
N TYR A 154 -8.63 -28.23 6.72
CA TYR A 154 -7.65 -27.36 6.07
C TYR A 154 -7.95 -27.27 4.58
N LEU A 155 -9.23 -27.25 4.22
CA LEU A 155 -9.69 -27.15 2.84
C LEU A 155 -9.63 -25.67 2.44
N SER A 156 -9.22 -25.39 1.21
CA SER A 156 -9.22 -24.05 0.64
C SER A 156 -10.42 -23.90 -0.36
N ASN A 157 -11.31 -24.92 -0.45
CA ASN A 157 -12.42 -24.97 -1.38
C ASN A 157 -13.55 -25.81 -0.76
N SER A 158 -14.80 -25.63 -1.24
CA SER A 158 -15.94 -26.41 -0.75
C SER A 158 -16.03 -27.76 -1.47
N SER A 159 -14.89 -28.48 -1.57
CA SER A 159 -14.87 -29.78 -2.22
C SER A 159 -13.74 -30.64 -1.72
N PHE A 160 -14.00 -31.96 -1.69
CA PHE A 160 -13.06 -32.96 -1.24
C PHE A 160 -11.94 -33.11 -2.27
N SER A 161 -10.69 -33.24 -1.79
CA SER A 161 -9.56 -33.46 -2.68
C SER A 161 -9.66 -34.86 -3.29
N ARG A 162 -9.04 -35.08 -4.44
CA ARG A 162 -9.05 -36.40 -5.09
C ARG A 162 -8.15 -37.39 -4.36
N GLY A 163 -7.11 -36.91 -3.66
CA GLY A 163 -6.25 -37.79 -2.87
C GLY A 163 -6.92 -38.23 -1.59
N GLU A 164 -6.62 -39.47 -1.18
CA GLU A 164 -7.14 -40.02 0.05
C GLU A 164 -6.11 -40.81 0.84
N THR A 165 -6.26 -40.78 2.16
CA THR A 165 -5.46 -41.58 3.06
C THR A 165 -6.47 -42.53 3.67
N ARG A 166 -6.41 -43.79 3.25
CA ARG A 166 -7.30 -44.81 3.76
C ARG A 166 -6.92 -45.21 5.18
N CYS A 167 -7.92 -45.62 5.97
CA CYS A 167 -7.69 -46.14 7.32
C CYS A 167 -7.03 -47.50 7.22
N GLU A 168 -6.23 -47.90 8.21
CA GLU A 168 -5.56 -49.21 8.16
C GLU A 168 -6.56 -50.37 8.11
N GLN A 169 -7.77 -50.21 8.68
CA GLN A 169 -8.83 -51.24 8.73
C GLN A 169 -9.31 -51.66 7.36
N ASP A 170 -9.36 -50.73 6.41
CA ASP A 170 -9.80 -51.04 5.06
C ASP A 170 -8.83 -51.92 4.27
N ARG A 171 -7.53 -51.98 4.72
CA ARG A 171 -6.35 -52.73 4.22
C ARG A 171 -5.03 -52.06 4.65
N MET B 4 8.43 46.42 -4.56
CA MET B 4 8.79 45.27 -3.74
C MET B 4 10.13 44.65 -4.20
N ALA B 5 10.22 44.27 -5.49
CA ALA B 5 11.44 43.68 -6.05
C ALA B 5 11.82 44.40 -7.36
N MET B 6 13.08 44.24 -7.82
CA MET B 6 13.53 44.86 -9.07
C MET B 6 12.74 44.31 -10.25
N PHE B 7 12.47 43.01 -10.25
CA PHE B 7 11.74 42.37 -11.33
C PHE B 7 10.63 41.53 -10.73
N MET B 8 9.36 41.82 -11.07
CA MET B 8 8.25 41.02 -10.54
C MET B 8 7.19 40.76 -11.58
N VAL B 9 6.85 39.48 -11.74
CA VAL B 9 5.86 38.95 -12.67
C VAL B 9 4.56 38.84 -11.89
N LYS B 10 3.48 39.47 -12.38
CA LYS B 10 2.20 39.44 -11.67
C LYS B 10 1.17 38.47 -12.25
N ASN B 11 0.32 37.94 -11.37
CA ASN B 11 -0.79 37.03 -11.65
C ASN B 11 -2.07 37.84 -11.93
N GLY B 12 -3.09 37.19 -12.45
CA GLY B 12 -4.38 37.80 -12.77
C GLY B 12 -5.01 38.63 -11.65
N ASN B 13 -4.87 38.16 -10.41
CA ASN B 13 -5.40 38.88 -9.24
C ASN B 13 -4.45 40.00 -8.71
N GLY B 14 -3.43 40.37 -9.50
CA GLY B 14 -2.46 41.41 -9.17
C GLY B 14 -1.39 40.99 -8.17
N THR B 15 -1.32 39.69 -7.86
CA THR B 15 -0.35 39.18 -6.90
C THR B 15 0.92 38.71 -7.59
N ALA B 16 2.10 39.02 -7.04
CA ALA B 16 3.36 38.55 -7.63
C ALA B 16 3.46 37.03 -7.54
N CYS B 17 3.98 36.41 -8.60
CA CYS B 17 4.19 34.95 -8.67
C CYS B 17 5.72 34.62 -8.75
N ILE B 18 6.52 35.59 -9.23
CA ILE B 18 7.97 35.58 -9.33
C ILE B 18 8.43 36.97 -8.93
N MET B 19 9.48 37.03 -8.10
CA MET B 19 10.12 38.25 -7.64
C MET B 19 11.63 37.99 -7.63
N ALA B 20 12.40 39.00 -8.07
CA ALA B 20 13.84 38.87 -8.12
C ALA B 20 14.57 40.18 -8.02
N ASN B 21 15.65 40.14 -7.27
CA ASN B 21 16.59 41.22 -7.12
C ASN B 21 17.92 40.59 -7.48
N PHE B 22 18.77 41.36 -8.13
CA PHE B 22 20.13 40.97 -8.48
C PHE B 22 20.76 42.04 -9.32
N SER B 23 22.08 42.06 -9.34
CA SER B 23 22.79 42.95 -10.23
C SER B 23 23.61 42.01 -11.13
N ALA B 24 23.25 41.94 -12.42
CA ALA B 24 23.86 41.00 -13.36
C ALA B 24 25.09 41.57 -14.08
N ALA B 25 26.23 40.88 -13.96
CA ALA B 25 27.47 41.25 -14.64
C ALA B 25 27.74 40.28 -15.79
N PHE B 26 27.85 40.80 -17.01
CA PHE B 26 28.12 40.02 -18.22
C PHE B 26 29.55 40.18 -18.68
N SER B 27 30.08 39.15 -19.32
CA SER B 27 31.41 39.10 -19.91
C SER B 27 31.21 38.35 -21.23
N VAL B 28 31.45 39.02 -22.36
CA VAL B 28 31.17 38.45 -23.66
C VAL B 28 32.38 38.49 -24.57
N ASN B 29 32.87 37.33 -24.98
CA ASN B 29 33.97 37.25 -25.93
C ASN B 29 33.31 37.34 -27.31
N TYR B 30 33.61 38.39 -28.09
CA TYR B 30 33.01 38.56 -29.42
C TYR B 30 34.06 38.78 -30.52
N ASP B 31 33.68 38.54 -31.78
CA ASP B 31 34.57 38.68 -32.92
C ASP B 31 34.63 40.11 -33.45
N THR B 32 35.83 40.71 -33.45
CA THR B 32 36.00 42.07 -33.97
C THR B 32 36.89 42.05 -35.23
N LYS B 33 36.89 43.14 -36.01
CA LYS B 33 37.75 43.24 -37.19
C LYS B 33 39.22 43.13 -36.79
N SER B 34 39.58 43.71 -35.62
CA SER B 34 40.95 43.68 -35.18
C SER B 34 41.30 42.50 -34.24
N GLY B 35 40.45 41.48 -34.20
CA GLY B 35 40.70 40.31 -33.37
C GLY B 35 39.59 39.94 -32.41
N PRO B 36 39.86 38.97 -31.53
CA PRO B 36 38.83 38.56 -30.55
C PRO B 36 38.90 39.45 -29.31
N LYS B 37 37.77 40.06 -28.95
CA LYS B 37 37.76 40.95 -27.79
C LYS B 37 36.81 40.52 -26.67
N ASN B 38 37.19 40.78 -25.42
CA ASN B 38 36.33 40.54 -24.26
C ASN B 38 35.58 41.82 -23.92
N MET B 39 34.29 41.73 -23.60
CA MET B 39 33.50 42.91 -23.23
C MET B 39 32.69 42.69 -21.94
N THR B 40 32.91 43.53 -20.92
CA THR B 40 32.16 43.45 -19.66
C THR B 40 31.15 44.59 -19.55
N PHE B 41 29.98 44.30 -19.01
CA PHE B 41 28.93 45.29 -18.82
C PHE B 41 27.90 44.77 -17.81
N ASP B 42 27.11 45.66 -17.23
CA ASP B 42 26.09 45.27 -16.27
C ASP B 42 24.73 45.35 -16.91
N LEU B 43 23.75 44.68 -16.30
CA LEU B 43 22.36 44.79 -16.71
C LEU B 43 21.95 46.21 -16.27
N PRO B 44 21.57 47.06 -17.24
CA PRO B 44 21.32 48.47 -16.93
C PRO B 44 20.21 48.73 -15.92
N SER B 45 20.30 49.85 -15.20
CA SER B 45 19.28 50.24 -14.23
C SER B 45 17.90 50.52 -14.86
N ASP B 46 17.84 50.59 -16.22
CA ASP B 46 16.61 50.81 -16.98
C ASP B 46 16.08 49.54 -17.67
N ALA B 47 16.60 48.35 -17.31
CA ALA B 47 16.09 47.09 -17.87
C ALA B 47 14.66 46.87 -17.32
N THR B 48 13.77 46.35 -18.17
CA THR B 48 12.38 46.17 -17.77
C THR B 48 11.87 44.76 -18.02
N VAL B 49 10.87 44.35 -17.24
CA VAL B 49 10.24 43.06 -17.40
C VAL B 49 9.29 43.17 -18.59
N VAL B 50 9.41 42.24 -19.54
CA VAL B 50 8.53 42.23 -20.70
C VAL B 50 7.21 41.64 -20.26
N LEU B 51 6.16 42.47 -20.11
CA LEU B 51 4.85 42.01 -19.65
C LEU B 51 4.18 40.99 -20.54
N ASN B 52 4.33 41.12 -21.88
CA ASN B 52 3.70 40.16 -22.78
C ASN B 52 4.51 38.85 -22.94
N ARG B 53 5.77 38.80 -22.47
CA ARG B 53 6.57 37.56 -22.55
C ARG B 53 6.79 36.91 -21.15
N SER B 54 6.48 37.64 -20.07
CA SER B 54 6.63 37.12 -18.71
C SER B 54 5.29 36.55 -18.22
N SER B 55 5.23 35.22 -18.07
CA SER B 55 4.05 34.50 -17.62
C SER B 55 4.21 33.96 -16.19
N CYS B 56 3.08 33.75 -15.51
CA CYS B 56 3.03 33.20 -14.15
C CYS B 56 2.92 31.67 -14.13
N GLY B 57 2.10 31.12 -15.01
CA GLY B 57 1.89 29.68 -15.08
C GLY B 57 0.98 29.23 -16.20
N PRO B 64 5.73 30.76 -15.75
CA PRO B 64 6.97 30.15 -15.23
C PRO B 64 8.24 30.78 -15.83
N SER B 65 8.18 32.06 -16.19
CA SER B 65 9.33 32.74 -16.76
C SER B 65 9.39 34.21 -16.42
N LEU B 66 10.61 34.71 -16.29
CA LEU B 66 10.84 36.12 -16.07
C LEU B 66 11.66 36.56 -17.30
N VAL B 67 11.13 37.49 -18.10
CA VAL B 67 11.84 37.95 -19.30
C VAL B 67 12.26 39.41 -19.13
N ILE B 68 13.58 39.67 -19.10
CA ILE B 68 14.08 41.03 -18.90
C ILE B 68 14.65 41.59 -20.21
N ALA B 69 14.17 42.75 -20.64
CA ALA B 69 14.67 43.40 -21.84
C ALA B 69 15.60 44.53 -21.46
N PHE B 70 16.75 44.60 -22.14
CA PHE B 70 17.72 45.64 -21.88
C PHE B 70 18.48 46.11 -23.12
N GLY B 71 19.03 47.32 -23.04
CA GLY B 71 19.81 47.95 -24.09
C GLY B 71 19.14 47.95 -25.45
N ARG B 72 19.89 47.60 -26.49
CA ARG B 72 19.34 47.59 -27.84
C ARG B 72 19.11 46.19 -28.36
N GLY B 73 17.93 45.68 -28.06
CA GLY B 73 17.47 44.36 -28.50
C GLY B 73 18.02 43.17 -27.73
N HIS B 74 18.34 43.36 -26.44
CA HIS B 74 18.86 42.23 -25.66
C HIS B 74 17.85 41.74 -24.63
N THR B 75 17.87 40.42 -24.35
CA THR B 75 17.00 39.82 -23.33
C THR B 75 17.73 38.79 -22.49
N LEU B 76 17.34 38.73 -21.21
CA LEU B 76 17.82 37.73 -20.25
C LEU B 76 16.56 37.09 -19.69
N THR B 77 16.40 35.78 -19.93
CA THR B 77 15.22 35.08 -19.47
C THR B 77 15.57 34.03 -18.41
N LEU B 78 14.70 33.95 -17.42
CA LEU B 78 14.85 32.97 -16.36
C LEU B 78 13.63 32.08 -16.40
N ASN B 79 13.84 30.80 -16.69
CA ASN B 79 12.75 29.84 -16.76
C ASN B 79 12.80 28.91 -15.55
N PHE B 80 11.67 28.76 -14.88
CA PHE B 80 11.59 27.96 -13.66
C PHE B 80 10.92 26.62 -13.85
N THR B 81 11.36 25.66 -13.05
CA THR B 81 10.81 24.32 -12.94
C THR B 81 10.74 23.93 -11.45
N ARG B 82 9.92 22.93 -11.11
CA ARG B 82 9.78 22.51 -9.72
C ARG B 82 9.25 21.09 -9.58
N ASN B 83 9.34 20.56 -8.37
CA ASN B 83 8.70 19.32 -8.03
C ASN B 83 7.84 19.63 -6.75
N ALA B 84 7.55 18.67 -5.86
CA ALA B 84 6.73 18.98 -4.69
C ALA B 84 7.48 19.80 -3.64
N THR B 85 8.81 19.65 -3.55
CA THR B 85 9.59 20.33 -2.52
C THR B 85 10.66 21.32 -2.95
N ARG B 86 11.10 21.27 -4.20
CA ARG B 86 12.20 22.12 -4.67
C ARG B 86 11.89 22.82 -5.99
N TYR B 87 12.56 23.94 -6.26
CA TYR B 87 12.40 24.66 -7.53
C TYR B 87 13.76 25.21 -8.00
N SER B 88 13.89 25.48 -9.30
CA SER B 88 15.14 25.98 -9.85
C SER B 88 14.96 26.81 -11.12
N VAL B 89 16.01 27.54 -11.52
CA VAL B 89 16.00 28.23 -12.80
C VAL B 89 16.62 27.17 -13.70
N GLN B 90 15.76 26.39 -14.32
CA GLN B 90 16.14 25.28 -15.18
C GLN B 90 16.90 25.73 -16.43
N LEU B 91 16.57 26.92 -16.93
CA LEU B 91 17.26 27.47 -18.09
C LEU B 91 17.39 28.97 -17.99
N MET B 92 18.60 29.45 -18.27
CA MET B 92 18.85 30.88 -18.40
C MET B 92 19.18 31.13 -19.88
N SER B 93 18.42 32.02 -20.52
CA SER B 93 18.64 32.30 -21.94
C SER B 93 19.09 33.75 -22.16
N PHE B 94 20.24 33.91 -22.83
CA PHE B 94 20.78 35.22 -23.12
C PHE B 94 20.73 35.48 -24.65
N VAL B 95 19.97 36.49 -25.04
CA VAL B 95 19.87 36.88 -26.43
C VAL B 95 20.49 38.26 -26.57
N TYR B 96 21.57 38.36 -27.36
CA TYR B 96 22.27 39.63 -27.54
C TYR B 96 22.49 40.00 -29.01
N ASN B 97 22.08 41.22 -29.36
CA ASN B 97 22.21 41.78 -30.70
C ASN B 97 23.64 42.31 -30.89
N LEU B 98 24.48 41.63 -31.71
CA LEU B 98 25.86 42.10 -31.95
C LEU B 98 25.93 43.46 -32.70
N SER B 99 24.78 43.97 -33.19
CA SER B 99 24.68 45.26 -33.85
C SER B 99 24.58 46.45 -32.85
N ASP B 100 24.71 46.17 -31.54
CA ASP B 100 24.70 47.19 -30.49
C ASP B 100 26.14 47.71 -30.46
N THR B 101 26.39 48.92 -30.97
CA THR B 101 27.75 49.46 -31.01
C THR B 101 28.26 49.92 -29.66
N HIS B 102 27.36 50.14 -28.68
CA HIS B 102 27.76 50.55 -27.34
C HIS B 102 28.41 49.38 -26.60
N LEU B 103 27.78 48.21 -26.60
CA LEU B 103 28.35 47.03 -25.96
C LEU B 103 29.31 46.30 -26.88
N PHE B 104 29.05 46.30 -28.20
CA PHE B 104 29.90 45.59 -29.15
C PHE B 104 30.48 46.46 -30.28
N PRO B 105 31.42 47.37 -29.98
CA PRO B 105 32.05 48.17 -31.05
C PRO B 105 33.08 47.35 -31.85
N ASN B 106 33.22 47.65 -33.16
CA ASN B 106 34.16 46.99 -34.08
C ASN B 106 33.81 45.52 -34.35
N ALA B 107 32.57 45.10 -34.05
CA ALA B 107 32.13 43.72 -34.21
C ALA B 107 32.05 43.36 -35.67
N SER B 108 32.71 42.27 -36.08
CA SER B 108 32.63 41.81 -37.46
C SER B 108 31.21 41.24 -37.70
N SER B 109 30.82 40.20 -36.94
CA SER B 109 29.49 39.58 -37.04
C SER B 109 28.44 40.58 -36.51
N LYS B 110 27.23 40.60 -37.08
CA LYS B 110 26.17 41.50 -36.61
C LYS B 110 24.85 40.76 -36.29
N GLU B 111 24.94 39.44 -36.05
CA GLU B 111 23.80 38.57 -35.77
C GLU B 111 23.34 38.65 -34.31
N ILE B 112 22.04 38.40 -34.07
CA ILE B 112 21.44 38.36 -32.74
C ILE B 112 21.69 36.96 -32.13
N LYS B 113 22.80 36.80 -31.39
CA LYS B 113 23.19 35.53 -30.79
C LYS B 113 22.31 35.09 -29.62
N THR B 114 22.05 33.77 -29.50
CA THR B 114 21.27 33.19 -28.42
C THR B 114 22.05 32.08 -27.75
N VAL B 115 22.39 32.26 -26.45
CA VAL B 115 23.11 31.27 -25.63
C VAL B 115 22.24 30.81 -24.45
N GLU B 116 22.37 29.53 -24.05
CA GLU B 116 21.52 28.95 -23.01
C GLU B 116 22.30 28.04 -22.10
N SER B 117 21.85 27.96 -20.83
CA SER B 117 22.49 27.08 -19.86
C SER B 117 21.59 26.73 -18.67
N ILE B 118 21.83 25.56 -18.11
CA ILE B 118 21.20 25.11 -16.89
C ILE B 118 21.94 25.89 -15.79
N THR B 119 21.21 26.40 -14.78
CA THR B 119 21.84 27.17 -13.70
C THR B 119 21.90 26.37 -12.39
N ASP B 120 22.74 26.81 -11.44
CA ASP B 120 22.73 26.22 -10.10
C ASP B 120 21.76 26.98 -9.17
N ILE B 121 20.88 27.83 -9.71
CA ILE B 121 19.92 28.59 -8.92
C ILE B 121 18.81 27.67 -8.50
N ARG B 122 18.80 27.23 -7.24
CA ARG B 122 17.77 26.36 -6.73
C ARG B 122 17.51 26.57 -5.25
N ALA B 123 16.27 26.37 -4.87
CA ALA B 123 15.84 26.59 -3.51
C ALA B 123 14.70 25.64 -3.17
N ASP B 124 14.40 25.49 -1.86
CA ASP B 124 13.25 24.74 -1.43
C ASP B 124 12.02 25.58 -1.76
N ILE B 125 10.90 24.91 -2.07
CA ILE B 125 9.61 25.57 -2.29
C ILE B 125 9.22 26.29 -1.00
N ASP B 126 8.74 27.53 -1.10
CA ASP B 126 8.38 28.40 0.02
C ASP B 126 9.60 29.05 0.69
N LYS B 127 10.77 28.96 0.08
CA LYS B 127 11.99 29.64 0.49
C LYS B 127 12.52 30.37 -0.74
N LYS B 128 13.25 31.47 -0.54
CA LYS B 128 13.83 32.22 -1.65
C LYS B 128 15.27 31.78 -1.83
N TYR B 129 15.78 31.82 -3.07
CA TYR B 129 17.16 31.55 -3.38
C TYR B 129 17.92 32.81 -2.95
N ARG B 130 19.06 32.65 -2.29
CA ARG B 130 19.84 33.77 -1.86
C ARG B 130 21.30 33.57 -2.19
N CYS B 131 21.91 34.56 -2.83
CA CYS B 131 23.34 34.49 -3.15
C CYS B 131 23.92 35.86 -3.20
N VAL B 132 24.62 36.28 -2.15
CA VAL B 132 25.23 37.60 -2.10
C VAL B 132 26.51 37.65 -2.94
N SER B 133 27.43 36.66 -2.76
CA SER B 133 28.71 36.67 -3.47
C SER B 133 28.58 36.58 -5.01
N GLY B 134 27.46 36.06 -5.49
CA GLY B 134 27.23 36.00 -6.93
C GLY B 134 27.28 34.63 -7.54
N THR B 135 26.25 34.27 -8.29
CA THR B 135 26.18 32.97 -8.95
C THR B 135 26.62 33.10 -10.41
N GLN B 136 27.50 32.21 -10.85
CA GLN B 136 28.03 32.23 -12.22
C GLN B 136 27.32 31.25 -13.14
N VAL B 137 26.99 31.72 -14.33
CA VAL B 137 26.36 30.93 -15.37
C VAL B 137 27.29 31.00 -16.59
N HIS B 138 27.87 29.86 -16.99
CA HIS B 138 28.76 29.81 -18.15
C HIS B 138 28.02 29.29 -19.37
N MET B 139 27.97 30.11 -20.41
CA MET B 139 27.39 29.79 -21.71
C MET B 139 28.55 29.91 -22.77
N ASN B 140 28.29 29.60 -24.07
CA ASN B 140 29.37 29.72 -25.07
C ASN B 140 29.73 31.18 -25.33
N ASN B 141 30.98 31.55 -24.94
CA ASN B 141 31.57 32.90 -25.01
C ASN B 141 30.96 33.91 -24.02
N VAL B 142 30.04 33.46 -23.13
CA VAL B 142 29.38 34.34 -22.16
C VAL B 142 29.46 33.81 -20.73
N THR B 143 29.75 34.70 -19.78
CA THR B 143 29.69 34.42 -18.34
C THR B 143 28.69 35.42 -17.78
N VAL B 144 27.69 34.94 -17.05
CA VAL B 144 26.72 35.82 -16.41
C VAL B 144 26.85 35.62 -14.91
N THR B 145 27.27 36.65 -14.18
CA THR B 145 27.36 36.55 -12.72
C THR B 145 26.23 37.38 -12.10
N LEU B 146 25.32 36.73 -11.36
CA LEU B 146 24.25 37.43 -10.65
C LEU B 146 24.72 37.75 -9.22
N HIS B 147 24.98 39.02 -8.92
CA HIS B 147 25.42 39.48 -7.60
C HIS B 147 24.25 39.92 -6.76
N ASP B 148 24.35 39.75 -5.42
CA ASP B 148 23.30 40.13 -4.46
C ASP B 148 21.92 39.65 -4.90
N ALA B 149 21.83 38.37 -5.17
CA ALA B 149 20.62 37.76 -5.67
C ALA B 149 19.65 37.24 -4.59
N THR B 150 18.37 37.55 -4.79
CA THR B 150 17.26 37.05 -4.00
C THR B 150 16.24 36.76 -5.06
N ILE B 151 15.99 35.49 -5.33
CA ILE B 151 15.06 35.10 -6.37
C ILE B 151 14.05 34.12 -5.81
N GLN B 152 12.76 34.33 -6.11
CA GLN B 152 11.72 33.40 -5.68
C GLN B 152 10.59 33.30 -6.69
N ALA B 153 10.20 32.05 -6.99
CA ALA B 153 9.11 31.70 -7.87
C ALA B 153 8.04 30.93 -7.10
N TYR B 154 6.82 30.76 -7.68
CA TYR B 154 5.70 30.04 -7.08
C TYR B 154 5.23 30.77 -5.84
N LEU B 155 5.13 32.09 -5.96
CA LEU B 155 4.71 32.95 -4.88
C LEU B 155 3.19 33.08 -4.85
N SER B 156 2.63 33.07 -3.65
CA SER B 156 1.20 33.24 -3.42
C SER B 156 0.89 34.67 -2.89
N ASN B 157 1.90 35.55 -2.80
CA ASN B 157 1.81 36.88 -2.22
C ASN B 157 2.89 37.77 -2.88
N SER B 158 2.72 39.09 -2.83
CA SER B 158 3.71 40.02 -3.39
C SER B 158 4.84 40.27 -2.38
N SER B 159 5.41 39.19 -1.81
CA SER B 159 6.50 39.29 -0.84
C SER B 159 7.32 38.00 -0.80
N PHE B 160 8.65 38.12 -0.68
CA PHE B 160 9.51 36.94 -0.57
C PHE B 160 9.19 36.24 0.78
N SER B 161 9.48 34.95 0.85
CA SER B 161 9.30 34.19 2.08
C SER B 161 10.47 34.51 3.02
N ARG B 162 10.27 34.31 4.32
CA ARG B 162 11.31 34.51 5.30
C ARG B 162 12.41 33.44 5.18
N GLY B 163 12.06 32.25 4.69
CA GLY B 163 13.03 31.18 4.51
C GLY B 163 13.90 31.39 3.30
N GLU B 164 15.15 30.93 3.39
CA GLU B 164 16.09 31.06 2.30
C GLU B 164 16.95 29.83 2.11
N THR B 165 17.29 29.55 0.84
CA THR B 165 18.22 28.51 0.48
C THR B 165 19.41 29.28 -0.07
N ARG B 166 20.47 29.29 0.69
CA ARG B 166 21.69 30.00 0.39
C ARG B 166 22.54 29.25 -0.64
N CYS B 167 23.15 29.99 -1.59
CA CYS B 167 24.05 29.36 -2.55
C CYS B 167 25.28 28.81 -1.81
N GLU B 168 25.87 27.73 -2.32
CA GLU B 168 27.04 27.14 -1.66
C GLU B 168 28.23 28.11 -1.57
N GLN B 169 28.35 29.06 -2.53
CA GLN B 169 29.42 30.07 -2.57
C GLN B 169 29.45 30.97 -1.34
N ASP B 170 28.27 31.25 -0.77
CA ASP B 170 28.18 32.08 0.44
C ASP B 170 28.60 31.31 1.70
N ARG B 171 28.39 29.95 1.68
CA ARG B 171 28.70 28.90 2.68
C ARG B 171 27.53 27.90 2.88
N GLN C 3 -11.49 27.15 -5.53
CA GLN C 3 -12.52 26.12 -5.30
C GLN C 3 -11.88 24.73 -5.40
N LEU C 4 -12.26 23.85 -4.47
CA LEU C 4 -11.81 22.46 -4.45
C LEU C 4 -13.05 21.59 -4.27
N VAL C 5 -13.42 20.82 -5.30
CA VAL C 5 -14.63 19.99 -5.24
C VAL C 5 -14.28 18.51 -5.20
N GLN C 6 -14.51 17.90 -4.06
CA GLN C 6 -14.18 16.49 -3.87
C GLN C 6 -15.34 15.58 -4.26
N SER C 7 -15.02 14.36 -4.71
CA SER C 7 -16.01 13.34 -5.08
C SER C 7 -16.96 12.99 -3.90
N GLY C 8 -18.10 12.38 -4.19
CA GLY C 8 -19.08 12.04 -3.17
C GLY C 8 -18.67 10.89 -2.25
N ALA C 9 -19.42 10.72 -1.13
CA ALA C 9 -19.20 9.67 -0.14
C ALA C 9 -19.15 8.27 -0.75
N GLU C 10 -18.33 7.40 -0.17
CA GLU C 10 -18.19 6.03 -0.65
C GLU C 10 -18.44 5.03 0.47
N VAL C 11 -19.02 3.87 0.12
CA VAL C 11 -19.21 2.76 1.05
C VAL C 11 -18.39 1.63 0.43
N LYS C 12 -17.39 1.16 1.18
CA LYS C 12 -16.46 0.18 0.65
C LYS C 12 -16.36 -1.07 1.48
N LYS C 13 -16.33 -2.23 0.82
CA LYS C 13 -16.21 -3.52 1.49
C LYS C 13 -14.83 -3.67 2.08
N PRO C 14 -14.69 -4.40 3.19
CA PRO C 14 -13.33 -4.61 3.77
C PRO C 14 -12.45 -5.37 2.77
N GLY C 15 -11.19 -4.94 2.63
CA GLY C 15 -10.26 -5.54 1.68
C GLY C 15 -10.26 -4.89 0.31
N SER C 16 -11.26 -4.02 0.03
CA SER C 16 -11.34 -3.36 -1.26
C SER C 16 -10.41 -2.13 -1.32
N SER C 17 -10.37 -1.50 -2.50
CA SER C 17 -9.63 -0.27 -2.72
C SER C 17 -10.65 0.83 -3.03
N VAL C 18 -10.29 2.08 -2.72
CA VAL C 18 -11.16 3.23 -3.02
C VAL C 18 -10.30 4.32 -3.67
N LYS C 19 -10.86 5.09 -4.60
CA LYS C 19 -10.12 6.17 -5.24
C LYS C 19 -10.97 7.43 -5.22
N VAL C 20 -10.57 8.41 -4.39
CA VAL C 20 -11.31 9.66 -4.26
C VAL C 20 -10.68 10.76 -5.14
N SER C 21 -11.52 11.65 -5.68
CA SER C 21 -11.04 12.71 -6.54
C SER C 21 -11.22 14.12 -5.94
N CYS C 22 -10.53 15.10 -6.51
CA CYS C 22 -10.55 16.50 -6.05
C CYS C 22 -10.34 17.41 -7.26
N LYS C 23 -11.39 18.08 -7.73
CA LYS C 23 -11.28 18.99 -8.87
C LYS C 23 -10.98 20.42 -8.41
N ALA C 24 -9.92 21.01 -8.95
CA ALA C 24 -9.50 22.35 -8.58
C ALA C 24 -9.86 23.43 -9.63
N SER C 25 -10.06 24.68 -9.17
CA SER C 25 -10.36 25.83 -10.02
C SER C 25 -10.14 27.17 -9.27
N GLY C 26 -10.06 28.27 -10.02
CA GLY C 26 -9.89 29.62 -9.46
C GLY C 26 -8.44 30.04 -9.23
N TYR C 27 -7.49 29.22 -9.67
CA TYR C 27 -6.06 29.47 -9.46
C TYR C 27 -5.24 28.60 -10.44
N ILE C 28 -3.94 28.90 -10.60
CA ILE C 28 -3.07 28.13 -11.48
C ILE C 28 -2.72 26.81 -10.83
N PHE C 29 -3.34 25.73 -11.33
CA PHE C 29 -3.20 24.36 -10.81
C PHE C 29 -1.76 23.92 -10.55
N THR C 30 -0.83 24.26 -11.45
CA THR C 30 0.57 23.87 -11.34
C THR C 30 1.42 24.78 -10.44
N ASN C 31 0.81 25.76 -9.79
CA ASN C 31 1.52 26.65 -8.89
C ASN C 31 1.55 26.17 -7.45
N TYR C 32 0.75 25.14 -7.11
CA TYR C 32 0.67 24.57 -5.76
C TYR C 32 0.69 23.05 -5.76
N ASN C 33 0.94 22.42 -4.60
CA ASN C 33 0.79 20.97 -4.41
C ASN C 33 -0.67 20.73 -3.97
N ILE C 34 -1.08 19.48 -3.94
CA ILE C 34 -2.36 19.06 -3.39
C ILE C 34 -2.01 18.05 -2.29
N HIS C 35 -2.43 18.33 -1.06
CA HIS C 35 -2.18 17.46 0.09
C HIS C 35 -3.44 16.70 0.43
N TRP C 36 -3.28 15.57 1.11
CA TRP C 36 -4.41 14.78 1.57
C TRP C 36 -4.28 14.59 3.06
N VAL C 37 -5.37 14.81 3.79
CA VAL C 37 -5.38 14.76 5.24
C VAL C 37 -6.57 13.93 5.69
N LYS C 38 -6.33 12.99 6.61
CA LYS C 38 -7.40 12.15 7.17
C LYS C 38 -7.91 12.80 8.45
N LYS C 39 -9.24 12.83 8.62
CA LYS C 39 -9.88 13.34 9.83
C LYS C 39 -10.73 12.21 10.39
N SER C 40 -10.32 11.61 11.51
CA SER C 40 -11.10 10.53 12.11
C SER C 40 -11.26 10.76 13.61
N PRO C 41 -12.35 10.25 14.23
CA PRO C 41 -12.48 10.41 15.69
C PRO C 41 -11.37 9.70 16.46
N GLY C 42 -10.87 8.58 15.94
CA GLY C 42 -9.82 7.82 16.61
C GLY C 42 -8.43 8.41 16.56
N GLN C 43 -8.01 8.94 15.41
CA GLN C 43 -6.64 9.47 15.29
C GLN C 43 -6.56 10.96 14.97
N GLY C 44 -7.67 11.69 15.06
CA GLY C 44 -7.72 13.12 14.76
C GLY C 44 -7.31 13.48 13.34
N LEU C 45 -6.43 14.48 13.21
CA LEU C 45 -5.92 14.94 11.92
C LEU C 45 -4.59 14.27 11.59
N GLU C 46 -4.46 13.74 10.36
CA GLU C 46 -3.23 13.09 9.94
C GLU C 46 -2.85 13.47 8.52
N TRP C 47 -1.62 13.96 8.31
CA TRP C 47 -1.14 14.28 6.97
C TRP C 47 -0.80 12.95 6.31
N ILE C 48 -1.34 12.72 5.10
CA ILE C 48 -1.15 11.46 4.41
C ILE C 48 0.06 11.58 3.48
N GLY C 49 0.03 12.61 2.65
CA GLY C 49 1.03 12.92 1.64
C GLY C 49 0.57 14.08 0.77
N ALA C 50 1.44 14.50 -0.15
CA ALA C 50 1.17 15.58 -1.08
C ALA C 50 1.64 15.19 -2.48
N ILE C 51 1.08 15.82 -3.50
CA ILE C 51 1.50 15.57 -4.86
C ILE C 51 1.61 16.86 -5.60
N TYR C 52 2.69 17.03 -6.34
CA TYR C 52 2.86 18.21 -7.18
C TYR C 52 2.19 17.82 -8.48
N PRO C 53 1.04 18.46 -8.79
CA PRO C 53 0.28 18.08 -9.98
C PRO C 53 0.95 18.27 -11.33
N GLY C 54 1.90 19.20 -11.40
CA GLY C 54 2.61 19.46 -12.63
C GLY C 54 3.57 18.36 -13.07
N ASN C 55 4.15 17.63 -12.12
CA ASN C 55 5.14 16.60 -12.43
C ASN C 55 4.81 15.20 -11.88
N GLY C 56 3.89 15.16 -10.91
CA GLY C 56 3.49 13.93 -10.22
C GLY C 56 4.35 13.55 -9.02
N ASP C 57 5.37 14.37 -8.67
CA ASP C 57 6.27 14.13 -7.52
C ASP C 57 5.44 14.06 -6.24
N ALA C 58 5.54 12.95 -5.50
CA ALA C 58 4.69 12.76 -4.33
C ALA C 58 5.38 12.32 -3.03
N PRO C 59 5.64 13.23 -2.09
CA PRO C 59 6.16 12.81 -0.78
C PRO C 59 5.05 12.20 0.11
N TYR C 60 5.34 11.08 0.77
CA TYR C 60 4.36 10.43 1.65
C TYR C 60 4.76 10.50 3.10
N SER C 61 3.79 10.33 4.01
CA SER C 61 4.09 10.25 5.43
C SER C 61 4.58 8.81 5.72
N GLN C 62 5.31 8.58 6.83
CA GLN C 62 5.77 7.22 7.16
C GLN C 62 4.61 6.21 7.29
N LYS C 63 3.54 6.62 7.96
CA LYS C 63 2.34 5.83 8.19
C LYS C 63 1.55 5.50 6.92
N PHE C 64 1.38 6.46 5.99
CA PHE C 64 0.52 6.22 4.83
C PHE C 64 1.23 5.78 3.56
N GLN C 65 2.54 5.47 3.67
CA GLN C 65 3.37 4.96 2.59
C GLN C 65 2.87 3.60 2.07
N GLY C 66 2.58 3.49 0.78
CA GLY C 66 2.09 2.23 0.22
C GLY C 66 0.59 2.08 0.36
N LYS C 67 0.06 2.45 1.55
CA LYS C 67 -1.36 2.42 1.83
C LYS C 67 -2.10 3.40 0.90
N ALA C 68 -1.53 4.60 0.72
CA ALA C 68 -2.13 5.59 -0.13
C ALA C 68 -1.31 5.82 -1.39
N THR C 69 -1.99 6.10 -2.51
CA THR C 69 -1.33 6.39 -3.78
C THR C 69 -1.93 7.65 -4.39
N LEU C 70 -1.12 8.71 -4.51
CA LEU C 70 -1.60 9.97 -5.08
C LEU C 70 -1.24 10.10 -6.55
N THR C 71 -2.22 10.49 -7.37
CA THR C 71 -2.08 10.74 -8.80
C THR C 71 -2.73 12.10 -9.16
N ALA C 72 -2.32 12.68 -10.30
CA ALA C 72 -2.84 13.97 -10.75
C ALA C 72 -3.07 14.00 -12.26
N ASP C 73 -4.05 14.81 -12.72
CA ASP C 73 -4.40 14.99 -14.13
C ASP C 73 -4.53 16.46 -14.41
N THR C 74 -3.50 17.03 -15.05
CA THR C 74 -3.50 18.46 -15.36
C THR C 74 -4.53 18.87 -16.43
N SER C 75 -4.96 17.94 -17.31
CA SER C 75 -5.92 18.27 -18.35
C SER C 75 -7.32 18.62 -17.80
N THR C 76 -7.69 18.03 -16.67
CA THR C 76 -8.97 18.29 -16.01
C THR C 76 -8.80 18.94 -14.63
N SER C 77 -7.56 19.38 -14.27
CA SER C 77 -7.21 19.98 -12.98
C SER C 77 -7.71 19.12 -11.81
N THR C 78 -7.53 17.80 -11.90
CA THR C 78 -8.03 16.89 -10.90
C THR C 78 -6.95 16.06 -10.24
N THR C 79 -7.10 15.85 -8.91
CA THR C 79 -6.19 15.07 -8.07
C THR C 79 -6.91 13.80 -7.55
N TYR C 80 -6.17 12.70 -7.41
CA TYR C 80 -6.71 11.42 -6.96
C TYR C 80 -5.93 10.77 -5.82
N MET C 81 -6.65 10.25 -4.81
CA MET C 81 -6.05 9.54 -3.71
C MET C 81 -6.65 8.14 -3.65
N GLU C 82 -5.82 7.12 -3.82
CA GLU C 82 -6.27 5.75 -3.77
C GLU C 82 -5.81 5.04 -2.50
N LEU C 83 -6.72 4.38 -1.80
CA LEU C 83 -6.41 3.65 -0.57
C LEU C 83 -6.64 2.16 -0.76
N SER C 84 -5.65 1.33 -0.42
CA SER C 84 -5.81 -0.12 -0.57
C SER C 84 -6.06 -0.85 0.76
N SER C 85 -6.42 -2.17 0.71
CA SER C 85 -6.67 -3.03 1.88
C SER C 85 -7.55 -2.34 2.93
N LEU C 86 -8.75 -1.89 2.52
CA LEU C 86 -9.62 -1.15 3.41
C LEU C 86 -10.05 -1.93 4.63
N ARG C 87 -9.87 -1.31 5.79
CA ARG C 87 -10.20 -1.83 7.12
C ARG C 87 -11.19 -0.85 7.78
N SER C 88 -11.86 -1.25 8.87
CA SER C 88 -12.73 -0.38 9.65
C SER C 88 -12.01 0.93 10.05
N GLU C 89 -10.73 0.84 10.41
CA GLU C 89 -9.89 1.99 10.78
C GLU C 89 -9.72 3.04 9.67
N ASP C 90 -10.00 2.68 8.41
CA ASP C 90 -9.95 3.61 7.30
C ASP C 90 -11.25 4.42 7.12
N THR C 91 -12.27 4.18 7.98
CA THR C 91 -13.51 4.94 7.92
C THR C 91 -13.18 6.32 8.46
N ALA C 92 -13.28 7.34 7.60
CA ALA C 92 -12.94 8.71 7.99
C ALA C 92 -13.37 9.71 6.88
N VAL C 93 -13.21 11.04 7.12
CA VAL C 93 -13.41 12.08 6.13
C VAL C 93 -12.00 12.43 5.63
N TYR C 94 -11.79 12.36 4.31
CA TYR C 94 -10.51 12.66 3.70
C TYR C 94 -10.58 14.00 3.02
N TYR C 95 -9.64 14.90 3.31
CA TYR C 95 -9.63 16.25 2.76
C TYR C 95 -8.49 16.43 1.76
N CYS C 96 -8.73 17.23 0.71
CA CYS C 96 -7.69 17.61 -0.24
C CYS C 96 -7.42 19.10 0.04
N VAL C 97 -6.15 19.44 0.09
CA VAL C 97 -5.72 20.78 0.49
C VAL C 97 -4.79 21.34 -0.55
N ARG C 98 -5.11 22.50 -1.12
CA ARG C 98 -4.22 23.12 -2.10
C ARG C 98 -3.19 23.86 -1.27
N ALA C 99 -1.95 23.39 -1.27
CA ALA C 99 -0.89 24.07 -0.52
C ALA C 99 0.49 23.73 -1.08
N ASN C 100 1.47 24.62 -0.91
CA ASN C 100 2.83 24.30 -1.31
C ASN C 100 3.40 23.57 -0.06
N TRP C 101 3.68 24.34 0.98
CA TRP C 101 4.05 23.91 2.32
C TRP C 101 3.56 24.92 3.36
N ASP C 102 3.49 26.22 3.00
CA ASP C 102 3.03 27.27 3.89
C ASP C 102 1.53 27.22 4.07
N VAL C 103 1.07 26.92 5.29
CA VAL C 103 -0.34 26.79 5.60
C VAL C 103 -1.09 28.12 5.52
N ALA C 104 -0.39 29.27 5.51
CA ALA C 104 -1.04 30.57 5.39
C ALA C 104 -1.85 30.66 4.10
N PHE C 105 -1.48 29.89 3.06
CA PHE C 105 -2.19 29.91 1.80
C PHE C 105 -2.88 28.59 1.48
N ALA C 106 -3.17 27.76 2.49
CA ALA C 106 -3.84 26.50 2.27
C ALA C 106 -5.31 26.70 2.12
N TYR C 107 -5.90 26.04 1.12
CA TYR C 107 -7.33 26.06 0.89
C TYR C 107 -7.80 24.60 1.00
N TRP C 108 -8.79 24.36 1.83
CA TRP C 108 -9.31 23.01 2.06
C TRP C 108 -10.58 22.67 1.30
N GLY C 109 -10.65 21.44 0.81
CA GLY C 109 -11.85 20.95 0.18
C GLY C 109 -12.94 20.69 1.22
N GLN C 110 -14.14 20.33 0.76
CA GLN C 110 -15.25 20.05 1.68
C GLN C 110 -15.12 18.69 2.40
N GLY C 111 -14.32 17.78 1.84
CA GLY C 111 -14.09 16.45 2.39
C GLY C 111 -14.84 15.33 1.69
N THR C 112 -14.35 14.08 1.83
CA THR C 112 -14.99 12.89 1.28
C THR C 112 -15.06 11.78 2.31
N LEU C 113 -16.29 11.44 2.72
CA LEU C 113 -16.48 10.40 3.72
C LEU C 113 -16.31 9.04 3.10
N VAL C 114 -15.47 8.20 3.70
CA VAL C 114 -15.32 6.83 3.25
C VAL C 114 -15.75 5.96 4.40
N THR C 115 -16.78 5.13 4.20
CA THR C 115 -17.25 4.21 5.24
C THR C 115 -16.85 2.81 4.82
N VAL C 116 -16.04 2.16 5.65
CA VAL C 116 -15.61 0.80 5.36
C VAL C 116 -16.53 -0.16 6.11
N SER C 117 -17.48 -0.79 5.35
CA SER C 117 -18.50 -1.75 5.78
C SER C 117 -19.00 -2.67 4.64
N SER C 118 -19.40 -3.92 5.00
CA SER C 118 -19.95 -4.91 4.05
C SER C 118 -21.49 -4.81 3.89
N ALA C 119 -22.15 -3.88 4.59
CA ALA C 119 -23.58 -3.74 4.55
C ALA C 119 -24.10 -3.00 3.30
N SER C 120 -25.38 -3.25 2.97
CA SER C 120 -26.19 -2.62 1.92
C SER C 120 -27.31 -1.82 2.64
N THR C 121 -28.01 -0.92 1.95
CA THR C 121 -29.08 -0.15 2.56
C THR C 121 -30.17 -1.03 3.22
N LYS C 122 -30.22 -0.99 4.57
CA LYS C 122 -31.18 -1.78 5.36
C LYS C 122 -31.90 -0.88 6.37
N GLY C 123 -33.19 -1.13 6.56
CA GLY C 123 -33.99 -0.40 7.54
C GLY C 123 -33.75 -0.85 8.97
N PRO C 124 -33.97 0.05 9.93
CA PRO C 124 -33.74 -0.31 11.34
C PRO C 124 -34.89 -1.07 11.98
N SER C 125 -34.57 -1.83 13.02
CA SER C 125 -35.57 -2.54 13.80
C SER C 125 -35.62 -1.79 15.14
N VAL C 126 -36.81 -1.31 15.52
CA VAL C 126 -36.96 -0.56 16.77
C VAL C 126 -37.52 -1.42 17.91
N PHE C 127 -36.68 -1.68 18.91
CA PHE C 127 -36.99 -2.51 20.09
C PHE C 127 -37.13 -1.62 21.31
N PRO C 128 -38.01 -1.91 22.28
CA PRO C 128 -38.13 -0.99 23.43
C PRO C 128 -37.14 -1.26 24.56
N LEU C 129 -37.02 -0.27 25.46
CA LEU C 129 -36.20 -0.29 26.65
C LEU C 129 -37.17 0.12 27.76
N ALA C 130 -38.06 -0.83 28.12
CA ALA C 130 -39.14 -0.68 29.07
C ALA C 130 -38.65 -0.31 30.46
N PRO C 131 -39.32 0.65 31.12
CA PRO C 131 -38.88 1.02 32.47
C PRO C 131 -39.22 -0.04 33.52
N THR C 140 -37.86 8.64 39.65
CA THR C 140 -37.50 8.83 38.25
C THR C 140 -37.13 7.51 37.58
N ALA C 141 -37.82 7.20 36.49
CA ALA C 141 -37.57 5.99 35.72
C ALA C 141 -36.89 6.33 34.39
N ALA C 142 -36.20 5.36 33.79
CA ALA C 142 -35.55 5.56 32.49
C ALA C 142 -36.21 4.66 31.49
N LEU C 143 -36.55 5.19 30.33
CA LEU C 143 -37.11 4.39 29.25
C LEU C 143 -36.51 4.84 27.91
N GLY C 144 -36.62 4.00 26.92
CA GLY C 144 -36.09 4.30 25.60
C GLY C 144 -36.40 3.27 24.55
N CYS C 145 -35.64 3.30 23.48
CA CYS C 145 -35.76 2.32 22.42
C CYS C 145 -34.44 2.18 21.67
N LEU C 146 -34.14 0.94 21.33
CA LEU C 146 -32.96 0.50 20.63
C LEU C 146 -33.29 0.50 19.14
N VAL C 147 -32.50 1.23 18.37
CA VAL C 147 -32.69 1.32 16.93
C VAL C 147 -31.52 0.49 16.42
N LYS C 148 -31.79 -0.76 16.02
CA LYS C 148 -30.74 -1.70 15.67
C LYS C 148 -30.77 -2.19 14.22
N ASP C 149 -29.57 -2.49 13.68
CA ASP C 149 -29.32 -3.04 12.35
C ASP C 149 -29.87 -2.21 11.21
N TYR C 150 -29.23 -1.06 10.93
CA TYR C 150 -29.61 -0.19 9.82
C TYR C 150 -28.36 0.35 9.10
N PHE C 151 -28.52 0.70 7.83
CA PHE C 151 -27.42 1.21 7.03
C PHE C 151 -28.00 2.00 5.89
N PRO C 152 -27.44 3.18 5.58
CA PRO C 152 -26.35 3.87 6.26
C PRO C 152 -26.90 4.89 7.28
N GLU C 153 -26.03 5.77 7.79
CA GLU C 153 -26.46 6.85 8.66
C GLU C 153 -27.08 7.94 7.76
N PRO C 154 -28.06 8.68 8.27
CA PRO C 154 -28.52 8.74 9.65
C PRO C 154 -29.96 8.27 9.90
N VAL C 155 -30.33 8.24 11.19
CA VAL C 155 -31.67 8.02 11.70
C VAL C 155 -32.03 9.21 12.58
N THR C 156 -33.29 9.64 12.54
CA THR C 156 -33.76 10.72 13.40
C THR C 156 -34.67 10.12 14.44
N VAL C 157 -34.49 10.46 15.72
CA VAL C 157 -35.36 9.95 16.77
C VAL C 157 -35.95 11.11 17.55
N SER C 158 -37.27 11.09 17.72
CA SER C 158 -37.96 12.10 18.52
C SER C 158 -38.88 11.38 19.52
N TRP C 159 -39.27 12.08 20.57
CA TRP C 159 -40.12 11.52 21.59
C TRP C 159 -41.45 12.30 21.67
N ASN C 160 -42.57 11.57 21.51
CA ASN C 160 -43.94 12.09 21.54
C ASN C 160 -44.14 13.10 20.42
N SER C 161 -43.69 12.76 19.21
CA SER C 161 -43.76 13.62 18.04
C SER C 161 -43.14 15.00 18.28
N GLY C 162 -42.06 15.03 19.06
CA GLY C 162 -41.33 16.25 19.38
C GLY C 162 -41.76 16.97 20.64
N ALA C 163 -42.78 16.44 21.36
CA ALA C 163 -43.26 17.09 22.59
C ALA C 163 -42.31 16.87 23.73
N LEU C 164 -41.77 15.64 23.84
CA LEU C 164 -40.85 15.25 24.90
C LEU C 164 -39.40 15.49 24.47
N THR C 165 -38.79 16.55 24.99
CA THR C 165 -37.42 16.94 24.64
C THR C 165 -36.46 16.96 25.86
N SER C 166 -37.00 17.20 27.08
CA SER C 166 -36.21 17.23 28.32
C SER C 166 -35.83 15.84 28.78
N GLY C 167 -34.55 15.66 29.11
CA GLY C 167 -34.03 14.38 29.58
C GLY C 167 -33.78 13.35 28.49
N VAL C 168 -33.93 13.73 27.22
CA VAL C 168 -33.70 12.81 26.11
C VAL C 168 -32.22 12.78 25.77
N HIS C 169 -31.68 11.56 25.57
CA HIS C 169 -30.31 11.33 25.18
C HIS C 169 -30.28 10.30 24.07
N THR C 170 -30.11 10.78 22.83
CA THR C 170 -30.04 9.94 21.66
C THR C 170 -28.56 9.71 21.43
N PHE C 171 -28.09 8.47 21.64
CA PHE C 171 -26.68 8.15 21.53
C PHE C 171 -26.16 8.15 20.12
N PRO C 172 -24.91 8.63 19.92
CA PRO C 172 -24.31 8.60 18.57
C PRO C 172 -24.20 7.16 18.10
N ALA C 173 -24.54 6.90 16.83
CA ALA C 173 -24.51 5.56 16.24
C ALA C 173 -23.13 4.90 16.22
N VAL C 174 -23.09 3.60 16.56
CA VAL C 174 -21.86 2.82 16.60
C VAL C 174 -21.94 1.73 15.55
N LEU C 175 -20.82 1.53 14.84
CA LEU C 175 -20.75 0.53 13.80
C LEU C 175 -20.47 -0.86 14.37
N GLN C 176 -21.41 -1.77 14.18
CA GLN C 176 -21.29 -3.14 14.67
C GLN C 176 -20.35 -3.96 13.75
N SER C 177 -19.94 -5.17 14.20
CA SER C 177 -19.06 -6.06 13.44
C SER C 177 -19.66 -6.47 12.10
N SER C 178 -21.00 -6.57 12.04
CA SER C 178 -21.72 -6.91 10.81
C SER C 178 -21.77 -5.75 9.78
N GLY C 179 -21.15 -4.62 10.11
CA GLY C 179 -21.17 -3.43 9.26
C GLY C 179 -22.43 -2.61 9.38
N LEU C 180 -23.41 -3.03 10.20
CA LEU C 180 -24.66 -2.29 10.39
C LEU C 180 -24.52 -1.36 11.59
N TYR C 181 -25.31 -0.28 11.63
CA TYR C 181 -25.27 0.67 12.74
C TYR C 181 -26.36 0.35 13.78
N SER C 182 -26.16 0.85 15.00
CA SER C 182 -27.12 0.67 16.07
C SER C 182 -26.94 1.75 17.10
N LEU C 183 -28.03 2.20 17.67
CA LEU C 183 -27.99 3.20 18.73
C LEU C 183 -29.17 3.04 19.70
N SER C 184 -29.12 3.75 20.80
CA SER C 184 -30.21 3.80 21.75
C SER C 184 -30.60 5.25 21.96
N SER C 185 -31.91 5.52 22.14
CA SER C 185 -32.39 6.86 22.51
C SER C 185 -33.13 6.68 23.82
N VAL C 186 -32.68 7.34 24.88
CA VAL C 186 -33.28 7.17 26.20
C VAL C 186 -33.85 8.50 26.72
N VAL C 187 -34.70 8.43 27.75
CA VAL C 187 -35.29 9.58 28.41
C VAL C 187 -35.59 9.22 29.88
N THR C 188 -35.42 10.19 30.80
CA THR C 188 -35.72 9.96 32.20
C THR C 188 -36.94 10.75 32.58
N VAL C 189 -38.04 10.04 32.85
CA VAL C 189 -39.34 10.61 33.19
C VAL C 189 -39.72 10.24 34.63
N PRO C 190 -40.49 11.11 35.34
CA PRO C 190 -40.87 10.77 36.73
C PRO C 190 -41.64 9.46 36.83
N SER C 191 -41.45 8.72 37.94
CA SER C 191 -42.08 7.42 38.18
C SER C 191 -43.61 7.47 38.31
N SER C 192 -44.15 8.65 38.64
CA SER C 192 -45.59 8.86 38.79
C SER C 192 -46.29 8.89 37.42
N SER C 193 -45.63 9.49 36.42
CA SER C 193 -46.17 9.64 35.08
C SER C 193 -46.20 8.35 34.25
N LEU C 194 -45.86 7.19 34.83
CA LEU C 194 -45.87 5.92 34.08
C LEU C 194 -47.26 5.46 33.69
N GLY C 195 -48.20 5.48 34.63
CA GLY C 195 -49.56 5.06 34.37
C GLY C 195 -50.30 6.02 33.46
N THR C 196 -50.24 7.33 33.78
CA THR C 196 -50.93 8.37 33.03
C THR C 196 -50.31 8.64 31.64
N GLN C 197 -49.06 9.12 31.57
CA GLN C 197 -48.39 9.48 30.32
C GLN C 197 -47.88 8.29 29.47
N THR C 198 -48.21 8.29 28.17
CA THR C 198 -47.79 7.26 27.21
C THR C 198 -46.60 7.78 26.34
N TYR C 199 -45.51 6.96 26.26
CA TYR C 199 -44.30 7.41 25.54
C TYR C 199 -44.09 6.74 24.19
N ILE C 200 -43.81 7.53 23.15
CA ILE C 200 -43.61 6.98 21.81
C ILE C 200 -42.34 7.52 21.17
N CYS C 201 -41.50 6.63 20.58
CA CYS C 201 -40.32 7.09 19.88
C CYS C 201 -40.55 7.04 18.40
N ASN C 202 -40.25 8.14 17.74
CA ASN C 202 -40.49 8.31 16.32
C ASN C 202 -39.17 8.23 15.58
N VAL C 203 -38.90 7.09 14.96
CA VAL C 203 -37.66 6.88 14.24
C VAL C 203 -37.83 6.97 12.72
N ASN C 204 -37.10 7.89 12.09
CA ASN C 204 -37.14 8.04 10.65
C ASN C 204 -35.80 7.63 10.09
N HIS C 205 -35.82 6.91 8.98
CA HIS C 205 -34.62 6.47 8.31
C HIS C 205 -34.86 6.72 6.84
N LYS C 206 -34.66 7.99 6.42
CA LYS C 206 -34.80 8.41 5.03
C LYS C 206 -34.07 7.50 4.03
N PRO C 207 -32.80 7.03 4.31
CA PRO C 207 -32.14 6.12 3.36
C PRO C 207 -32.95 4.92 2.86
N SER C 208 -33.70 4.25 3.74
CA SER C 208 -34.55 3.13 3.34
C SER C 208 -36.06 3.46 3.51
N ASN C 209 -36.43 4.76 3.46
CA ASN C 209 -37.78 5.32 3.61
C ASN C 209 -38.60 4.73 4.77
N THR C 210 -37.90 4.26 5.81
CA THR C 210 -38.51 3.64 6.98
C THR C 210 -38.94 4.69 7.99
N LYS C 211 -40.13 4.52 8.57
CA LYS C 211 -40.69 5.40 9.60
C LYS C 211 -41.41 4.48 10.60
N VAL C 212 -40.84 4.30 11.78
CA VAL C 212 -41.39 3.42 12.81
C VAL C 212 -41.73 4.20 14.08
N ASP C 213 -42.98 4.09 14.56
CA ASP C 213 -43.37 4.75 15.81
C ASP C 213 -43.56 3.64 16.83
N LYS C 214 -42.84 3.69 17.96
CA LYS C 214 -42.91 2.61 18.94
C LYS C 214 -43.27 3.07 20.35
N LYS C 215 -44.31 2.47 20.93
CA LYS C 215 -44.73 2.79 22.29
C LYS C 215 -43.84 2.08 23.30
N VAL C 216 -43.53 2.75 24.43
CA VAL C 216 -42.70 2.13 25.48
C VAL C 216 -43.48 2.05 26.79
N GLU C 217 -43.54 0.85 27.42
CA GLU C 217 -44.23 0.64 28.70
C GLU C 217 -43.73 -0.65 29.41
N PRO C 218 -43.77 -0.74 30.77
CA PRO C 218 -43.29 -1.97 31.42
C PRO C 218 -44.32 -3.10 31.45
N ASP D 1 10.31 11.23 10.19
CA ASP D 1 9.38 12.34 10.21
C ASP D 1 9.40 13.05 11.55
N ILE D 2 9.14 14.37 11.55
CA ILE D 2 9.06 15.12 12.80
C ILE D 2 7.81 14.69 13.56
N GLN D 3 7.93 14.55 14.88
CA GLN D 3 6.79 14.17 15.70
C GLN D 3 6.38 15.30 16.60
N MET D 4 5.07 15.52 16.70
CA MET D 4 4.54 16.61 17.49
C MET D 4 3.85 16.05 18.72
N THR D 5 4.35 16.41 19.91
CA THR D 5 3.79 16.01 21.18
C THR D 5 2.99 17.18 21.69
N GLN D 6 1.66 17.11 21.57
CA GLN D 6 0.77 18.17 22.01
C GLN D 6 0.19 17.87 23.39
N SER D 7 0.15 18.89 24.27
CA SER D 7 -0.30 18.80 25.65
C SER D 7 -1.22 19.97 26.07
N PRO D 8 -2.24 19.67 26.88
CA PRO D 8 -2.72 18.32 27.27
C PRO D 8 -3.56 17.68 26.17
N SER D 9 -3.96 16.40 26.34
CA SER D 9 -4.87 15.76 25.38
C SER D 9 -6.31 16.29 25.55
N SER D 10 -6.65 16.82 26.75
CA SER D 10 -7.90 17.45 27.12
C SER D 10 -7.74 18.50 28.21
N LEU D 11 -8.39 19.63 28.01
CA LEU D 11 -8.46 20.76 28.91
C LEU D 11 -9.94 20.92 29.36
N SER D 12 -10.17 21.49 30.54
CA SER D 12 -11.53 21.68 31.05
C SER D 12 -11.59 23.01 31.74
N ALA D 13 -12.03 24.06 31.04
CA ALA D 13 -12.04 25.41 31.57
C ALA D 13 -13.39 26.12 31.47
N SER D 14 -13.59 27.20 32.23
CA SER D 14 -14.84 27.97 32.22
C SER D 14 -14.76 29.14 31.28
N VAL D 15 -15.91 29.71 30.90
CA VAL D 15 -15.97 30.94 30.10
C VAL D 15 -15.21 32.06 30.85
N GLY D 16 -14.34 32.77 30.14
CA GLY D 16 -13.52 33.83 30.71
C GLY D 16 -12.13 33.37 31.12
N ASP D 17 -11.88 32.05 31.14
CA ASP D 17 -10.58 31.52 31.52
C ASP D 17 -9.52 31.72 30.43
N ARG D 18 -8.25 31.54 30.83
CA ARG D 18 -7.14 31.55 29.90
C ARG D 18 -6.79 30.09 29.67
N VAL D 19 -6.83 29.67 28.41
CA VAL D 19 -6.49 28.31 28.03
C VAL D 19 -5.10 28.32 27.40
N THR D 20 -4.25 27.36 27.78
CA THR D 20 -2.89 27.29 27.27
C THR D 20 -2.64 25.87 26.82
N ILE D 21 -2.32 25.72 25.52
CA ILE D 21 -2.03 24.44 24.90
C ILE D 21 -0.56 24.48 24.42
N THR D 22 0.22 23.46 24.73
CA THR D 22 1.61 23.41 24.30
C THR D 22 1.83 22.31 23.24
N CYS D 23 2.90 22.45 22.50
CA CYS D 23 3.30 21.49 21.49
C CYS D 23 4.83 21.41 21.48
N LYS D 24 5.35 20.21 21.42
CA LYS D 24 6.78 19.99 21.41
C LYS D 24 7.16 19.15 20.22
N ALA D 25 8.00 19.71 19.36
CA ALA D 25 8.48 19.01 18.18
C ALA D 25 9.69 18.16 18.53
N SER D 26 9.86 17.02 17.84
CA SER D 26 11.01 16.14 18.03
C SER D 26 12.35 16.77 17.57
N GLN D 27 12.31 17.88 16.84
CA GLN D 27 13.49 18.62 16.40
C GLN D 27 13.09 20.08 16.13
N ASP D 28 14.07 21.00 16.06
CA ASP D 28 13.87 22.44 15.80
C ASP D 28 13.06 22.60 14.52
N ILE D 29 11.90 23.28 14.61
CA ILE D 29 11.05 23.46 13.43
C ILE D 29 11.07 24.88 12.89
N ASP D 30 12.06 25.69 13.27
CA ASP D 30 12.32 27.01 12.75
C ASP D 30 11.06 27.89 12.64
N ARG D 31 10.20 27.81 13.64
CA ARG D 31 8.97 28.57 13.74
C ARG D 31 7.90 28.28 12.69
N TYR D 32 8.01 27.17 11.94
CA TYR D 32 6.99 26.82 10.97
C TYR D 32 5.91 26.06 11.75
N MET D 33 5.22 26.82 12.60
CA MET D 33 4.21 26.31 13.54
C MET D 33 2.87 26.96 13.27
N ALA D 34 1.84 26.15 13.15
CA ALA D 34 0.49 26.64 12.92
C ALA D 34 -0.48 25.98 13.89
N TRP D 35 -1.62 26.62 14.14
CA TRP D 35 -2.62 26.10 15.06
C TRP D 35 -3.98 26.07 14.37
N TYR D 36 -4.64 24.91 14.41
CA TYR D 36 -5.95 24.69 13.82
C TYR D 36 -7.02 24.46 14.90
N GLN D 37 -8.23 24.92 14.62
CA GLN D 37 -9.40 24.73 15.46
C GLN D 37 -10.31 23.79 14.67
N ASP D 38 -10.54 22.60 15.21
CA ASP D 38 -11.38 21.61 14.57
C ASP D 38 -12.74 21.45 15.21
N LYS D 39 -13.79 21.65 14.43
CA LYS D 39 -15.16 21.46 14.91
C LYS D 39 -15.86 20.32 14.13
N PRO D 40 -16.78 19.60 14.77
CA PRO D 40 -17.46 18.49 14.08
C PRO D 40 -18.15 18.90 12.78
N GLY D 41 -18.08 17.99 11.79
CA GLY D 41 -18.67 18.18 10.46
C GLY D 41 -18.10 19.32 9.64
N LYS D 42 -17.02 19.94 10.12
CA LYS D 42 -16.41 21.07 9.44
C LYS D 42 -14.94 20.85 9.17
N ALA D 43 -14.43 21.49 8.11
CA ALA D 43 -13.02 21.44 7.76
C ALA D 43 -12.27 22.22 8.84
N PRO D 44 -11.06 21.75 9.22
CA PRO D 44 -10.28 22.48 10.25
C PRO D 44 -10.06 23.94 9.89
N ARG D 45 -10.11 24.81 10.88
CA ARG D 45 -9.96 26.25 10.66
C ARG D 45 -8.59 26.77 11.15
N LEU D 46 -7.83 27.45 10.28
CA LEU D 46 -6.54 27.99 10.64
C LEU D 46 -6.70 29.21 11.55
N LEU D 47 -6.02 29.21 12.71
CA LEU D 47 -6.08 30.33 13.63
C LEU D 47 -4.81 31.15 13.51
N ILE D 48 -3.66 30.45 13.56
CA ILE D 48 -2.35 31.09 13.56
C ILE D 48 -1.44 30.32 12.67
N HIS D 49 -0.53 31.02 12.03
CA HIS D 49 0.53 30.41 11.22
C HIS D 49 1.83 31.14 11.56
N ASP D 50 2.98 30.55 11.22
CA ASP D 50 4.29 31.15 11.40
C ASP D 50 4.53 31.55 12.85
N THR D 51 4.09 30.68 13.77
CA THR D 51 4.17 30.75 15.23
C THR D 51 3.19 31.70 15.86
N SER D 52 3.12 32.93 15.37
CA SER D 52 2.31 33.95 16.00
C SER D 52 1.52 34.83 15.07
N THR D 53 1.47 34.53 13.77
CA THR D 53 0.71 35.38 12.86
C THR D 53 -0.75 34.96 12.81
N LEU D 54 -1.60 35.81 13.39
CA LEU D 54 -3.04 35.60 13.45
C LEU D 54 -3.60 35.66 12.06
N GLN D 55 -4.42 34.67 11.71
CA GLN D 55 -5.04 34.62 10.39
C GLN D 55 -6.22 35.59 10.34
N SER D 56 -6.45 36.24 9.20
CA SER D 56 -7.54 37.21 9.03
C SER D 56 -8.90 36.59 9.37
N GLY D 57 -9.65 37.28 10.22
CA GLY D 57 -10.95 36.78 10.68
C GLY D 57 -10.92 36.02 11.99
N VAL D 58 -9.73 35.87 12.59
CA VAL D 58 -9.56 35.16 13.87
C VAL D 58 -9.41 36.17 15.00
N PRO D 59 -10.22 36.05 16.06
CA PRO D 59 -10.18 37.05 17.14
C PRO D 59 -8.84 37.12 17.90
N SER D 60 -8.50 38.33 18.38
CA SER D 60 -7.23 38.58 19.07
C SER D 60 -7.03 37.79 20.37
N ARG D 61 -8.09 37.14 20.90
CA ARG D 61 -7.92 36.30 22.10
C ARG D 61 -7.05 35.06 21.83
N PHE D 62 -6.94 34.62 20.56
CA PHE D 62 -6.06 33.53 20.17
C PHE D 62 -4.69 34.15 19.94
N SER D 63 -3.67 33.52 20.50
CA SER D 63 -2.32 34.02 20.39
C SER D 63 -1.33 32.88 20.35
N GLY D 64 -0.24 33.09 19.64
CA GLY D 64 0.77 32.06 19.49
C GLY D 64 2.14 32.55 19.87
N SER D 65 2.96 31.63 20.38
CA SER D 65 4.32 31.90 20.79
C SER D 65 5.12 30.62 20.74
N GLY D 66 6.43 30.76 20.78
CA GLY D 66 7.31 29.60 20.71
C GLY D 66 8.54 29.83 19.89
N SER D 67 9.42 28.83 19.93
CA SER D 67 10.69 28.86 19.26
C SER D 67 11.36 27.52 19.45
N GLY D 68 12.18 27.15 18.48
CA GLY D 68 12.89 25.88 18.52
C GLY D 68 11.93 24.74 18.33
N ARG D 69 11.71 24.01 19.42
CA ARG D 69 10.80 22.87 19.47
C ARG D 69 9.58 23.14 20.32
N ASP D 70 9.54 24.25 21.08
CA ASP D 70 8.46 24.43 22.03
C ASP D 70 7.56 25.56 21.65
N TYR D 71 6.27 25.26 21.47
CA TYR D 71 5.28 26.25 21.03
C TYR D 71 4.05 26.22 21.90
N THR D 72 3.40 27.37 22.03
CA THR D 72 2.22 27.50 22.84
C THR D 72 1.10 28.25 22.12
N LEU D 73 -0.12 27.76 22.27
CA LEU D 73 -1.30 28.47 21.82
C LEU D 73 -2.02 28.96 23.12
N THR D 74 -2.36 30.25 23.18
CA THR D 74 -3.05 30.81 24.31
C THR D 74 -4.39 31.40 23.86
N ILE D 75 -5.48 31.07 24.56
CA ILE D 75 -6.79 31.65 24.33
C ILE D 75 -7.00 32.45 25.59
N SER D 76 -6.88 33.78 25.52
CA SER D 76 -6.93 34.62 26.71
C SER D 76 -8.28 34.68 27.46
N ASN D 77 -9.40 34.98 26.77
CA ASN D 77 -10.69 35.12 27.46
C ASN D 77 -11.75 34.21 26.85
N LEU D 78 -11.57 32.90 27.08
CA LEU D 78 -12.39 31.80 26.60
C LEU D 78 -13.87 32.11 26.40
N GLU D 79 -14.33 32.17 25.14
CA GLU D 79 -15.73 32.41 24.77
C GLU D 79 -16.47 31.07 24.60
N PRO D 80 -17.83 31.04 24.65
CA PRO D 80 -18.55 29.75 24.48
C PRO D 80 -18.28 29.07 23.14
N GLU D 81 -18.05 29.87 22.10
CA GLU D 81 -17.76 29.30 20.78
C GLU D 81 -16.34 28.71 20.65
N ASP D 82 -15.52 28.80 21.71
CA ASP D 82 -14.15 28.26 21.70
C ASP D 82 -14.01 26.87 22.29
N PHE D 83 -15.10 26.24 22.72
CA PHE D 83 -15.03 24.89 23.23
C PHE D 83 -14.97 23.98 22.03
N ALA D 84 -13.78 23.42 21.75
CA ALA D 84 -13.49 22.64 20.54
C ALA D 84 -12.16 21.82 20.69
N THR D 85 -11.76 21.01 19.66
CA THR D 85 -10.49 20.32 19.61
C THR D 85 -9.49 21.22 18.81
N TYR D 86 -8.26 21.36 19.30
CA TYR D 86 -7.25 22.19 18.65
C TYR D 86 -6.04 21.34 18.32
N TYR D 87 -5.38 21.65 17.20
CA TYR D 87 -4.21 20.89 16.77
C TYR D 87 -3.05 21.79 16.39
N CYS D 88 -1.83 21.46 16.80
CA CYS D 88 -0.66 22.18 16.26
C CYS D 88 -0.32 21.51 14.90
N LEU D 89 0.43 22.18 14.04
CA LEU D 89 0.87 21.63 12.75
C LEU D 89 2.23 22.20 12.40
N GLN D 90 3.24 21.33 12.26
CA GLN D 90 4.55 21.80 11.84
C GLN D 90 4.61 21.65 10.31
N TYR D 91 5.22 22.63 9.64
CA TYR D 91 5.40 22.60 8.19
C TYR D 91 6.84 23.01 7.82
N ASP D 92 7.82 22.60 8.67
CA ASP D 92 9.23 22.85 8.38
C ASP D 92 9.78 21.74 7.48
N ASN D 93 9.46 20.48 7.80
CA ASN D 93 9.92 19.31 7.07
C ASN D 93 8.69 18.45 6.84
N LEU D 94 8.06 18.60 5.67
CA LEU D 94 6.79 17.97 5.35
C LEU D 94 5.71 18.56 6.31
N TRP D 95 4.64 17.82 6.63
CA TRP D 95 3.60 18.30 7.54
C TRP D 95 3.40 17.26 8.62
N THR D 96 3.21 17.73 9.86
CA THR D 96 2.86 16.86 10.97
C THR D 96 1.92 17.55 11.92
N PHE D 97 0.73 17.00 12.09
CA PHE D 97 -0.22 17.51 13.05
C PHE D 97 0.08 16.94 14.45
N GLY D 98 -0.25 17.72 15.48
CA GLY D 98 -0.15 17.23 16.85
C GLY D 98 -1.31 16.31 17.19
N GLY D 99 -1.39 15.86 18.43
CA GLY D 99 -2.42 14.92 18.85
C GLY D 99 -3.82 15.47 19.06
N GLY D 100 -3.91 16.76 19.25
CA GLY D 100 -5.17 17.42 19.51
C GLY D 100 -5.39 17.65 21.00
N THR D 101 -6.15 18.69 21.32
CA THR D 101 -6.50 19.01 22.70
C THR D 101 -8.00 19.30 22.72
N LYS D 102 -8.79 18.45 23.41
CA LYS D 102 -10.22 18.71 23.53
C LYS D 102 -10.49 19.67 24.67
N VAL D 103 -11.02 20.85 24.36
CA VAL D 103 -11.33 21.87 25.34
C VAL D 103 -12.81 21.76 25.72
N GLU D 104 -13.07 21.27 26.92
CA GLU D 104 -14.43 21.10 27.43
C GLU D 104 -14.79 22.14 28.51
N ILE D 105 -16.11 22.28 28.84
CA ILE D 105 -16.56 23.21 29.88
C ILE D 105 -16.40 22.55 31.24
N LYS D 106 -15.83 23.29 32.22
CA LYS D 106 -15.61 22.81 33.60
C LYS D 106 -16.89 22.88 34.46
N ARG D 107 -17.13 21.82 35.23
CA ARG D 107 -18.26 21.73 36.16
C ARG D 107 -17.95 20.80 37.36
N THR D 108 -18.83 20.77 38.37
CA THR D 108 -18.69 19.95 39.58
C THR D 108 -18.87 18.47 39.29
N VAL D 109 -18.39 17.60 40.18
CA VAL D 109 -18.54 16.16 40.04
C VAL D 109 -20.03 15.81 40.15
N ALA D 110 -20.49 14.89 39.30
CA ALA D 110 -21.87 14.43 39.27
C ALA D 110 -21.82 12.94 39.01
N ALA D 111 -22.36 12.17 39.95
CA ALA D 111 -22.39 10.73 39.83
C ALA D 111 -23.43 10.29 38.79
N PRO D 112 -23.15 9.21 38.04
CA PRO D 112 -24.14 8.75 37.07
C PRO D 112 -25.28 7.99 37.71
N SER D 113 -26.47 8.13 37.14
CA SER D 113 -27.64 7.41 37.57
C SER D 113 -27.63 6.17 36.67
N VAL D 114 -27.45 4.98 37.25
CA VAL D 114 -27.32 3.76 36.45
C VAL D 114 -28.62 2.97 36.33
N PHE D 115 -29.00 2.61 35.09
CA PHE D 115 -30.22 1.86 34.83
C PHE D 115 -29.89 0.71 33.89
N ILE D 116 -30.40 -0.49 34.14
CA ILE D 116 -30.17 -1.63 33.25
C ILE D 116 -31.45 -2.02 32.52
N PHE D 117 -31.33 -2.43 31.25
CA PHE D 117 -32.48 -2.82 30.42
C PHE D 117 -32.32 -4.23 29.87
N PRO D 118 -33.28 -5.12 30.18
CA PRO D 118 -33.17 -6.51 29.69
C PRO D 118 -33.43 -6.67 28.19
N PRO D 119 -33.03 -7.77 27.55
CA PRO D 119 -33.34 -7.94 26.12
C PRO D 119 -34.85 -8.08 25.87
N SER D 120 -35.43 -7.16 25.10
CA SER D 120 -36.86 -7.13 24.82
C SER D 120 -37.39 -8.45 24.23
N ASP D 121 -38.68 -8.73 24.48
CA ASP D 121 -39.32 -9.97 24.02
C ASP D 121 -39.57 -10.00 22.50
N GLU D 122 -39.45 -8.85 21.81
CA GLU D 122 -39.56 -8.81 20.35
C GLU D 122 -38.21 -9.17 19.67
N GLN D 123 -37.09 -9.08 20.41
CA GLN D 123 -35.74 -9.43 19.96
C GLN D 123 -35.52 -10.93 19.98
N LEU D 124 -36.17 -11.60 20.93
CA LEU D 124 -36.14 -13.03 21.09
C LEU D 124 -36.88 -13.65 19.89
N LYS D 125 -38.04 -13.05 19.51
CA LYS D 125 -38.88 -13.42 18.36
C LYS D 125 -38.13 -13.33 17.03
N SER D 126 -37.08 -12.49 16.96
CA SER D 126 -36.24 -12.33 15.78
C SER D 126 -35.11 -13.38 15.79
N GLY D 127 -34.46 -13.56 16.93
CA GLY D 127 -33.39 -14.54 17.07
C GLY D 127 -32.08 -14.01 17.61
N THR D 128 -32.11 -12.81 18.22
CA THR D 128 -30.91 -12.19 18.78
C THR D 128 -31.12 -11.62 20.20
N ALA D 129 -30.03 -11.28 20.91
CA ALA D 129 -30.11 -10.72 22.27
C ALA D 129 -29.12 -9.56 22.46
N SER D 130 -29.57 -8.47 23.10
CA SER D 130 -28.81 -7.25 23.36
C SER D 130 -29.28 -6.60 24.67
N VAL D 131 -28.41 -6.60 25.69
CA VAL D 131 -28.74 -6.01 26.98
C VAL D 131 -28.02 -4.65 27.12
N VAL D 132 -28.75 -3.60 27.49
CA VAL D 132 -28.22 -2.23 27.60
C VAL D 132 -28.06 -1.76 29.06
N CYS D 133 -27.10 -0.84 29.31
CA CYS D 133 -26.81 -0.23 30.60
C CYS D 133 -26.62 1.29 30.37
N LEU D 134 -27.41 2.12 31.04
CA LEU D 134 -27.36 3.57 30.89
C LEU D 134 -26.75 4.28 32.10
N LEU D 135 -25.74 5.11 31.87
CA LEU D 135 -25.11 5.96 32.88
C LEU D 135 -25.62 7.34 32.51
N ASN D 136 -26.48 7.95 33.33
CA ASN D 136 -27.09 9.23 32.98
C ASN D 136 -26.51 10.43 33.71
N ASN D 137 -26.23 11.49 32.92
CA ASN D 137 -25.74 12.79 33.35
C ASN D 137 -24.64 12.78 34.42
N PHE D 138 -23.43 12.42 34.01
CA PHE D 138 -22.30 12.39 34.92
C PHE D 138 -21.18 13.32 34.50
N TYR D 139 -20.33 13.66 35.44
CA TYR D 139 -19.15 14.46 35.19
C TYR D 139 -18.11 14.13 36.27
N PRO D 140 -16.84 13.86 35.90
CA PRO D 140 -16.23 13.90 34.54
C PRO D 140 -16.51 12.69 33.66
N ARG D 141 -16.09 12.78 32.39
CA ARG D 141 -16.24 11.78 31.32
C ARG D 141 -15.76 10.36 31.70
N GLU D 142 -14.60 10.28 32.34
CA GLU D 142 -13.97 9.01 32.73
C GLU D 142 -14.90 8.06 33.50
N ALA D 143 -15.26 6.92 32.90
CA ALA D 143 -16.14 5.94 33.54
C ALA D 143 -15.80 4.54 33.06
N LYS D 144 -15.92 3.53 33.94
CA LYS D 144 -15.64 2.16 33.56
C LYS D 144 -16.89 1.31 33.70
N VAL D 145 -17.29 0.67 32.60
CA VAL D 145 -18.45 -0.22 32.62
C VAL D 145 -17.97 -1.65 32.46
N GLN D 146 -18.46 -2.54 33.34
CA GLN D 146 -18.14 -3.97 33.33
C GLN D 146 -19.43 -4.82 33.30
N TRP D 147 -19.32 -6.10 32.90
CA TRP D 147 -20.49 -6.98 32.83
C TRP D 147 -20.19 -8.38 33.38
N GLY D 156 -14.99 -8.56 25.11
CA GLY D 156 -14.93 -8.45 23.66
C GLY D 156 -16.25 -8.51 22.91
N ASN D 157 -17.39 -8.53 23.63
CA ASN D 157 -18.70 -8.57 22.97
C ASN D 157 -19.60 -7.41 23.38
N SER D 158 -19.00 -6.24 23.65
CA SER D 158 -19.77 -5.07 24.05
C SER D 158 -19.20 -3.78 23.47
N GLN D 159 -20.11 -2.88 23.09
CA GLN D 159 -19.72 -1.58 22.53
C GLN D 159 -20.29 -0.46 23.40
N GLU D 160 -19.50 0.59 23.59
CA GLU D 160 -19.91 1.75 24.38
C GLU D 160 -20.21 2.94 23.48
N SER D 161 -21.05 3.88 23.95
CA SER D 161 -21.40 5.08 23.20
C SER D 161 -21.64 6.23 24.16
N VAL D 162 -21.09 7.42 23.87
CA VAL D 162 -21.20 8.57 24.76
C VAL D 162 -21.74 9.78 24.03
N THR D 163 -22.56 10.61 24.68
CA THR D 163 -23.04 11.84 24.08
C THR D 163 -22.02 12.98 24.30
N GLU D 164 -22.15 14.07 23.55
CA GLU D 164 -21.34 15.27 23.74
C GLU D 164 -21.77 15.97 25.07
N GLN D 165 -21.01 16.98 25.55
CA GLN D 165 -21.41 17.71 26.76
C GLN D 165 -22.78 18.38 26.58
N ASP D 166 -23.70 18.19 27.54
CA ASP D 166 -25.03 18.77 27.41
C ASP D 166 -24.96 20.28 27.44
N SER D 167 -25.74 20.93 26.56
CA SER D 167 -25.79 22.39 26.43
C SER D 167 -26.28 23.07 27.71
N LYS D 168 -27.17 22.39 28.43
CA LYS D 168 -27.75 22.86 29.67
C LYS D 168 -26.87 22.57 30.90
N ASP D 169 -26.58 21.28 31.20
CA ASP D 169 -25.84 20.96 32.43
C ASP D 169 -24.37 20.48 32.28
N SER D 170 -23.75 20.53 31.07
CA SER D 170 -22.34 20.16 30.85
C SER D 170 -21.97 18.73 31.29
N THR D 171 -22.97 17.83 31.32
CA THR D 171 -22.75 16.45 31.72
C THR D 171 -22.62 15.51 30.51
N TYR D 172 -22.24 14.26 30.75
CA TYR D 172 -22.11 13.22 29.73
C TYR D 172 -23.05 12.10 30.08
N SER D 173 -23.52 11.36 29.10
CA SER D 173 -24.32 10.16 29.34
C SER D 173 -23.69 9.06 28.51
N LEU D 174 -23.78 7.83 28.98
CA LEU D 174 -23.12 6.71 28.32
C LEU D 174 -24.02 5.50 28.24
N SER D 175 -23.98 4.80 27.12
CA SER D 175 -24.70 3.56 26.94
C SER D 175 -23.68 2.46 26.69
N SER D 176 -23.87 1.30 27.31
CA SER D 176 -23.02 0.15 27.07
C SER D 176 -23.96 -0.95 26.62
N THR D 177 -23.71 -1.52 25.45
CA THR D 177 -24.58 -2.54 24.92
C THR D 177 -23.81 -3.85 24.78
N LEU D 178 -24.32 -4.90 25.41
CA LEU D 178 -23.71 -6.23 25.37
C LEU D 178 -24.46 -7.11 24.38
N THR D 179 -23.80 -7.49 23.29
CA THR D 179 -24.42 -8.33 22.28
C THR D 179 -23.96 -9.78 22.40
N LEU D 180 -24.93 -10.69 22.41
CA LEU D 180 -24.72 -12.13 22.46
C LEU D 180 -25.83 -12.89 21.72
N SER D 181 -25.51 -14.12 21.27
CA SER D 181 -26.43 -15.01 20.56
C SER D 181 -27.70 -15.31 21.33
N LYS D 182 -28.77 -15.74 20.63
CA LYS D 182 -30.02 -16.11 21.30
C LYS D 182 -29.81 -17.35 22.21
N ALA D 183 -28.82 -18.21 21.86
CA ALA D 183 -28.43 -19.43 22.59
C ALA D 183 -28.07 -19.14 24.05
N ASP D 184 -27.30 -18.08 24.30
CA ASP D 184 -26.88 -17.69 25.65
C ASP D 184 -28.03 -17.13 26.49
N ALA D 192 -25.96 -8.20 34.63
CA ALA D 192 -25.20 -7.40 35.59
C ALA D 192 -24.45 -6.24 34.92
N CYS D 193 -24.31 -5.12 35.61
CA CYS D 193 -23.60 -3.96 35.08
C CYS D 193 -22.82 -3.23 36.17
N GLU D 194 -21.48 -3.38 36.19
CA GLU D 194 -20.67 -2.73 37.22
C GLU D 194 -20.05 -1.40 36.78
N VAL D 195 -20.50 -0.29 37.38
CA VAL D 195 -20.04 1.05 37.04
C VAL D 195 -19.07 1.65 38.05
N THR D 196 -17.90 2.08 37.56
CA THR D 196 -16.86 2.74 38.33
C THR D 196 -16.76 4.20 37.85
N HIS D 197 -16.90 5.16 38.77
CA HIS D 197 -16.83 6.59 38.46
C HIS D 197 -16.36 7.33 39.70
N GLN D 198 -15.69 8.46 39.51
CA GLN D 198 -15.20 9.32 40.59
C GLN D 198 -16.30 9.70 41.59
N GLY D 199 -17.51 9.95 41.08
CA GLY D 199 -18.68 10.31 41.87
C GLY D 199 -19.32 9.18 42.63
N LEU D 200 -18.78 7.96 42.50
CA LEU D 200 -19.25 6.78 43.21
C LEU D 200 -18.17 6.34 44.19
N SER D 201 -18.51 6.27 45.50
CA SER D 201 -17.59 5.84 46.56
C SER D 201 -17.09 4.41 46.32
N SER D 202 -17.94 3.57 45.76
CA SER D 202 -17.62 2.20 45.41
C SER D 202 -18.40 1.81 44.13
N PRO D 203 -17.93 0.81 43.35
CA PRO D 203 -18.66 0.45 42.12
C PRO D 203 -20.15 0.17 42.30
N VAL D 204 -20.97 0.68 41.37
CA VAL D 204 -22.41 0.49 41.44
C VAL D 204 -22.85 -0.59 40.46
N THR D 205 -23.52 -1.60 40.97
CA THR D 205 -23.98 -2.73 40.18
C THR D 205 -25.50 -2.74 40.00
N LYS D 206 -25.96 -2.80 38.77
CA LYS D 206 -27.38 -2.90 38.46
C LYS D 206 -27.49 -4.17 37.64
N SER D 207 -28.24 -5.16 38.12
CA SER D 207 -28.34 -6.44 37.42
C SER D 207 -29.74 -7.05 37.43
N GLN E 1 -8.45 -10.83 0.38
CA GLN E 1 -7.45 -9.86 0.85
C GLN E 1 -6.14 -10.55 1.27
N VAL E 2 -5.80 -11.68 0.61
CA VAL E 2 -4.56 -12.41 0.90
C VAL E 2 -3.37 -11.57 0.51
N GLN E 3 -2.44 -11.41 1.43
CA GLN E 3 -1.29 -10.56 1.22
C GLN E 3 -0.03 -11.17 1.85
N LEU E 4 1.13 -11.11 1.17
CA LEU E 4 2.42 -11.60 1.70
C LEU E 4 3.44 -10.53 1.43
N VAL E 5 3.88 -9.80 2.45
CA VAL E 5 4.81 -8.70 2.26
C VAL E 5 6.21 -9.07 2.74
N GLN E 6 7.12 -9.21 1.79
CA GLN E 6 8.51 -9.60 2.02
C GLN E 6 9.41 -8.42 2.37
N SER E 7 10.45 -8.65 3.17
CA SER E 7 11.41 -7.62 3.51
C SER E 7 12.15 -7.07 2.25
N GLY E 8 12.82 -5.92 2.40
CA GLY E 8 13.52 -5.28 1.30
C GLY E 8 14.82 -5.95 0.90
N ALA E 9 15.35 -5.54 -0.27
CA ALA E 9 16.59 -6.05 -0.84
C ALA E 9 17.78 -5.97 0.10
N GLU E 10 18.68 -6.95 -0.01
CA GLU E 10 19.87 -7.00 0.82
C GLU E 10 21.13 -7.11 -0.03
N VAL E 11 22.23 -6.55 0.46
CA VAL E 11 23.55 -6.68 -0.15
C VAL E 11 24.40 -7.33 0.93
N LYS E 12 24.92 -8.52 0.62
CA LYS E 12 25.64 -9.30 1.60
C LYS E 12 27.07 -9.68 1.17
N LYS E 13 28.04 -9.59 2.08
CA LYS E 13 29.42 -10.00 1.79
C LYS E 13 29.49 -11.53 1.69
N PRO E 14 30.44 -12.06 0.89
CA PRO E 14 30.60 -13.53 0.82
C PRO E 14 30.97 -14.09 2.20
N GLY E 15 30.37 -15.23 2.56
CA GLY E 15 30.58 -15.85 3.86
C GLY E 15 29.61 -15.40 4.94
N SER E 16 28.86 -14.34 4.68
CA SER E 16 27.91 -13.83 5.65
C SER E 16 26.59 -14.64 5.64
N SER E 17 25.71 -14.34 6.59
CA SER E 17 24.38 -14.91 6.65
C SER E 17 23.35 -13.82 6.37
N VAL E 18 22.20 -14.18 5.87
CA VAL E 18 21.12 -13.22 5.62
C VAL E 18 19.81 -13.83 6.19
N LYS E 19 18.90 -12.99 6.64
CA LYS E 19 17.60 -13.47 7.14
C LYS E 19 16.51 -12.61 6.56
N VAL E 20 15.72 -13.18 5.66
CA VAL E 20 14.65 -12.44 5.01
C VAL E 20 13.30 -12.79 5.65
N SER E 21 12.41 -11.80 5.71
CA SER E 21 11.12 -12.00 6.35
C SER E 21 9.93 -11.93 5.38
N CYS E 22 8.77 -12.44 5.79
CA CYS E 22 7.56 -12.49 4.99
C CYS E 22 6.37 -12.37 5.94
N LYS E 23 5.71 -11.20 5.95
CA LYS E 23 4.54 -10.97 6.80
C LYS E 23 3.26 -11.32 6.07
N ALA E 24 2.45 -12.18 6.67
CA ALA E 24 1.21 -12.63 6.08
C ALA E 24 -0.06 -11.95 6.66
N SER E 25 -1.13 -11.86 5.84
CA SER E 25 -2.43 -11.29 6.25
C SER E 25 -3.54 -11.68 5.26
N GLY E 26 -4.81 -11.54 5.67
CA GLY E 26 -5.96 -11.82 4.81
C GLY E 26 -6.45 -13.28 4.77
N TYR E 27 -5.89 -14.10 5.67
CA TYR E 27 -6.21 -15.52 5.75
C TYR E 27 -5.74 -16.07 7.12
N ILE E 28 -6.18 -17.27 7.50
CA ILE E 28 -5.75 -17.88 8.76
C ILE E 28 -4.34 -18.42 8.61
N PHE E 29 -3.38 -17.74 9.21
CA PHE E 29 -1.95 -18.04 9.14
C PHE E 29 -1.60 -19.52 9.38
N THR E 30 -2.25 -20.17 10.35
CA THR E 30 -1.99 -21.57 10.71
C THR E 30 -2.75 -22.59 9.85
N ASN E 31 -3.44 -22.13 8.82
CA ASN E 31 -4.15 -23.03 7.94
C ASN E 31 -3.35 -23.46 6.73
N TYR E 32 -2.20 -22.81 6.49
CA TYR E 32 -1.32 -23.11 5.35
C TYR E 32 0.15 -23.17 5.78
N ASN E 33 1.01 -23.74 4.92
CA ASN E 33 2.47 -23.66 5.09
C ASN E 33 2.94 -22.35 4.35
N ILE E 34 4.19 -21.98 4.55
CA ILE E 34 4.84 -20.93 3.83
C ILE E 34 6.06 -21.60 3.18
N HIS E 35 6.15 -21.53 1.84
CA HIS E 35 7.25 -22.11 1.07
C HIS E 35 8.21 -21.01 0.63
N TRP E 36 9.47 -21.39 0.37
CA TRP E 36 10.45 -20.45 -0.13
C TRP E 36 11.00 -20.99 -1.41
N VAL E 37 11.12 -20.13 -2.42
CA VAL E 37 11.54 -20.53 -3.77
C VAL E 37 12.56 -19.55 -4.26
N LYS E 38 13.67 -20.06 -4.80
CA LYS E 38 14.71 -19.21 -5.38
C LYS E 38 14.47 -19.04 -6.87
N LYS E 39 14.63 -17.83 -7.38
CA LYS E 39 14.50 -17.54 -8.82
C LYS E 39 15.82 -16.91 -9.25
N SER E 40 16.64 -17.62 -10.00
CA SER E 40 17.91 -17.05 -10.46
C SER E 40 18.12 -17.29 -11.95
N PRO E 41 18.89 -16.43 -12.65
CA PRO E 41 19.15 -16.70 -14.08
C PRO E 41 19.95 -18.00 -14.28
N GLY E 42 20.81 -18.35 -13.34
CA GLY E 42 21.63 -19.56 -13.45
C GLY E 42 20.88 -20.87 -13.28
N GLN E 43 20.02 -20.98 -12.24
CA GLN E 43 19.33 -22.24 -11.97
C GLN E 43 17.81 -22.18 -12.04
N GLY E 44 17.25 -21.10 -12.61
CA GLY E 44 15.80 -20.95 -12.76
C GLY E 44 15.04 -20.95 -11.45
N LEU E 45 13.95 -21.71 -11.37
CA LEU E 45 13.13 -21.83 -10.16
C LEU E 45 13.56 -23.05 -9.32
N GLU E 46 13.72 -22.86 -8.02
CA GLU E 46 14.10 -23.94 -7.12
C GLU E 46 13.33 -23.91 -5.81
N TRP E 47 12.67 -25.02 -5.45
CA TRP E 47 11.98 -25.09 -4.17
C TRP E 47 13.02 -25.27 -3.09
N ILE E 48 12.99 -24.44 -2.04
CA ILE E 48 14.00 -24.49 -1.00
C ILE E 48 13.52 -25.39 0.14
N GLY E 49 12.31 -25.08 0.62
CA GLY E 49 11.66 -25.75 1.72
C GLY E 49 10.38 -25.03 2.09
N ALA E 50 9.63 -25.61 3.05
CA ALA E 50 8.38 -25.05 3.55
C ALA E 50 8.35 -25.15 5.07
N ILE E 51 7.59 -24.30 5.73
CA ILE E 51 7.42 -24.34 7.17
C ILE E 51 5.98 -24.21 7.53
N TYR E 52 5.53 -25.05 8.45
CA TYR E 52 4.18 -24.96 8.96
C TYR E 52 4.26 -24.01 10.12
N PRO E 53 3.77 -22.77 10.04
CA PRO E 53 3.79 -21.90 11.21
C PRO E 53 2.79 -22.45 12.25
N GLY E 54 3.08 -22.36 13.53
CA GLY E 54 2.17 -22.94 14.54
C GLY E 54 2.74 -24.18 15.18
N ASN E 55 3.51 -24.94 14.42
CA ASN E 55 4.26 -26.08 14.91
C ASN E 55 5.78 -25.85 14.62
N GLY E 56 6.08 -25.13 13.53
CA GLY E 56 7.44 -24.94 13.08
C GLY E 56 8.02 -26.09 12.29
N ASP E 57 7.24 -27.16 12.02
CA ASP E 57 7.64 -28.34 11.22
C ASP E 57 8.09 -27.86 9.83
N ALA E 58 9.32 -28.21 9.45
CA ALA E 58 9.86 -27.71 8.20
C ALA E 58 10.53 -28.74 7.30
N PRO E 59 9.86 -29.20 6.24
CA PRO E 59 10.55 -30.05 5.25
C PRO E 59 11.48 -29.25 4.33
N TYR E 60 12.70 -29.75 4.10
CA TYR E 60 13.66 -29.08 3.24
C TYR E 60 13.92 -29.84 1.96
N SER E 61 14.43 -29.17 0.93
CA SER E 61 14.83 -29.83 -0.29
C SER E 61 16.22 -30.47 -0.05
N GLN E 62 16.62 -31.43 -0.85
CA GLN E 62 17.94 -32.07 -0.74
C GLN E 62 19.07 -31.03 -0.90
N LYS E 63 18.95 -30.14 -1.87
CA LYS E 63 19.93 -29.08 -2.12
C LYS E 63 20.03 -28.00 -1.04
N PHE E 64 18.90 -27.55 -0.47
CA PHE E 64 18.94 -26.43 0.48
C PHE E 64 18.90 -26.78 1.96
N GLN E 65 18.74 -28.05 2.38
CA GLN E 65 18.78 -28.38 3.83
C GLN E 65 20.14 -27.91 4.41
N GLY E 66 20.16 -27.37 5.63
CA GLY E 66 21.35 -26.87 6.29
C GLY E 66 21.70 -25.47 5.83
N LYS E 67 21.71 -25.27 4.52
CA LYS E 67 21.99 -23.98 3.91
C LYS E 67 20.89 -22.99 4.30
N ALA E 68 19.62 -23.43 4.24
CA ALA E 68 18.51 -22.56 4.59
C ALA E 68 17.89 -22.97 5.90
N THR E 69 17.45 -22.01 6.71
CA THR E 69 16.78 -22.28 7.97
C THR E 69 15.47 -21.51 8.02
N LEU E 70 14.33 -22.21 8.04
CA LEU E 70 13.04 -21.55 8.10
C LEU E 70 12.52 -21.51 9.56
N THR E 71 12.06 -20.31 9.97
CA THR E 71 11.45 -20.09 11.28
C THR E 71 10.12 -19.34 11.11
N ALA E 72 9.24 -19.44 12.10
CA ALA E 72 7.93 -18.77 12.05
C ALA E 72 7.55 -18.15 13.39
N ASP E 73 6.80 -17.05 13.35
CA ASP E 73 6.33 -16.33 14.53
C ASP E 73 4.86 -16.06 14.36
N THR E 74 4.02 -16.84 15.05
CA THR E 74 2.57 -16.71 14.95
C THR E 74 2.04 -15.40 15.58
N SER E 75 2.77 -14.80 16.54
CA SER E 75 2.32 -13.57 17.18
C SER E 75 2.28 -12.37 16.24
N THR E 76 3.16 -12.35 15.23
CA THR E 76 3.22 -11.29 14.22
C THR E 76 2.91 -11.81 12.81
N SER E 77 2.43 -13.07 12.66
CA SER E 77 2.14 -13.73 11.38
C SER E 77 3.32 -13.60 10.40
N THR E 78 4.54 -13.80 10.89
CA THR E 78 5.74 -13.63 10.07
C THR E 78 6.59 -14.90 9.97
N THR E 79 7.14 -15.17 8.77
CA THR E 79 8.03 -16.27 8.47
C THR E 79 9.43 -15.72 8.14
N TYR E 80 10.46 -16.53 8.42
CA TYR E 80 11.84 -16.12 8.14
C TYR E 80 12.55 -17.19 7.40
N MET E 81 13.42 -16.76 6.50
CA MET E 81 14.29 -17.66 5.82
C MET E 81 15.70 -17.14 6.02
N GLU E 82 16.49 -17.87 6.79
CA GLU E 82 17.90 -17.53 6.98
C GLU E 82 18.77 -18.38 6.01
N LEU E 83 19.79 -17.78 5.35
CA LEU E 83 20.72 -18.46 4.46
C LEU E 83 22.15 -18.24 4.99
N SER E 84 22.93 -19.31 5.14
CA SER E 84 24.31 -19.18 5.62
C SER E 84 25.36 -19.36 4.50
N SER E 85 26.65 -19.07 4.81
CA SER E 85 27.79 -19.21 3.89
C SER E 85 27.48 -18.62 2.50
N LEU E 86 27.09 -17.32 2.46
CA LEU E 86 26.71 -16.71 1.20
C LEU E 86 27.82 -16.68 0.17
N ARG E 87 27.48 -17.00 -1.05
CA ARG E 87 28.42 -16.97 -2.17
C ARG E 87 27.75 -16.36 -3.38
N SER E 88 28.52 -15.99 -4.41
CA SER E 88 27.97 -15.34 -5.60
C SER E 88 26.73 -16.07 -6.17
N GLU E 89 26.76 -17.40 -6.15
CA GLU E 89 25.65 -18.24 -6.62
C GLU E 89 24.34 -18.07 -5.81
N ASP E 90 24.41 -17.49 -4.62
CA ASP E 90 23.22 -17.20 -3.82
C ASP E 90 22.55 -15.87 -4.21
N THR E 91 23.09 -15.13 -5.20
CA THR E 91 22.50 -13.89 -5.67
C THR E 91 21.28 -14.28 -6.45
N ALA E 92 20.07 -13.88 -5.98
CA ALA E 92 18.83 -14.26 -6.64
C ALA E 92 17.64 -13.50 -6.00
N VAL E 93 16.39 -13.68 -6.51
CA VAL E 93 15.16 -13.17 -5.92
C VAL E 93 14.55 -14.37 -5.20
N TYR E 94 14.26 -14.22 -3.92
CA TYR E 94 13.68 -15.28 -3.09
C TYR E 94 12.22 -14.97 -2.87
N TYR E 95 11.34 -15.91 -3.15
CA TYR E 95 9.90 -15.72 -2.98
C TYR E 95 9.36 -16.53 -1.80
N CYS E 96 8.34 -15.99 -1.11
CA CYS E 96 7.62 -16.72 -0.07
C CYS E 96 6.24 -17.02 -0.67
N VAL E 97 5.77 -18.24 -0.49
CA VAL E 97 4.55 -18.72 -1.11
C VAL E 97 3.64 -19.33 -0.05
N ARG E 98 2.39 -18.88 0.03
CA ARG E 98 1.45 -19.48 0.94
C ARG E 98 0.75 -20.60 0.20
N ALA E 99 0.96 -21.81 0.65
CA ALA E 99 0.34 -23.00 0.07
C ALA E 99 0.48 -24.10 1.11
N ASN E 100 -0.30 -25.17 0.96
CA ASN E 100 -0.14 -26.37 1.75
C ASN E 100 0.75 -27.14 0.83
N TRP E 101 0.20 -27.89 -0.12
CA TRP E 101 0.95 -28.57 -1.14
C TRP E 101 0.30 -28.38 -2.51
N ASP E 102 -1.02 -28.17 -2.58
CA ASP E 102 -1.72 -27.94 -3.84
C ASP E 102 -1.44 -26.53 -4.36
N VAL E 103 -0.77 -26.44 -5.50
CA VAL E 103 -0.41 -25.17 -6.10
C VAL E 103 -1.61 -24.38 -6.62
N ALA E 104 -2.78 -25.01 -6.77
CA ALA E 104 -3.99 -24.28 -7.20
C ALA E 104 -4.33 -23.15 -6.24
N PHE E 105 -3.91 -23.27 -4.96
CA PHE E 105 -4.19 -22.23 -3.95
C PHE E 105 -2.97 -21.51 -3.47
N ALA E 106 -1.87 -21.55 -4.22
CA ALA E 106 -0.65 -20.88 -3.83
C ALA E 106 -0.75 -19.39 -4.12
N TYR E 107 -0.32 -18.58 -3.16
CA TYR E 107 -0.25 -17.13 -3.32
C TYR E 107 1.22 -16.75 -3.14
N TRP E 108 1.79 -16.02 -4.10
CA TRP E 108 3.19 -15.64 -4.10
C TRP E 108 3.44 -14.22 -3.63
N GLY E 109 4.50 -14.06 -2.85
CA GLY E 109 4.94 -12.74 -2.44
C GLY E 109 5.58 -12.00 -3.60
N GLN E 110 5.94 -10.73 -3.38
CA GLN E 110 6.56 -9.91 -4.43
C GLN E 110 8.05 -10.27 -4.68
N GLY E 111 8.69 -10.94 -3.72
CA GLY E 111 10.09 -11.35 -3.80
C GLY E 111 11.07 -10.45 -3.05
N THR E 112 12.24 -10.99 -2.73
CA THR E 112 13.28 -10.21 -2.08
C THR E 112 14.55 -10.54 -2.81
N LEU E 113 15.27 -9.52 -3.27
CA LEU E 113 16.53 -9.66 -3.98
C LEU E 113 17.67 -9.71 -2.99
N VAL E 114 18.53 -10.70 -3.13
CA VAL E 114 19.73 -10.79 -2.31
C VAL E 114 20.90 -10.72 -3.26
N THR E 115 21.77 -9.72 -3.11
CA THR E 115 22.96 -9.62 -3.94
C THR E 115 24.15 -9.96 -3.07
N VAL E 116 24.89 -10.98 -3.44
CA VAL E 116 26.08 -11.39 -2.69
C VAL E 116 27.29 -10.82 -3.40
N SER E 117 27.91 -9.84 -2.77
CA SER E 117 29.11 -9.21 -3.30
C SER E 117 29.82 -8.44 -2.21
N SER E 118 31.13 -8.28 -2.37
CA SER E 118 31.97 -7.52 -1.46
C SER E 118 32.05 -6.01 -1.84
N ALA E 119 31.33 -5.56 -2.87
CA ALA E 119 31.33 -4.16 -3.28
C ALA E 119 30.45 -3.27 -2.38
N SER E 120 30.70 -1.94 -2.40
CA SER E 120 29.99 -0.97 -1.57
C SER E 120 29.00 -0.15 -2.37
N THR E 121 27.90 0.24 -1.72
CA THR E 121 26.85 1.01 -2.36
C THR E 121 27.38 2.32 -2.98
N LYS E 122 27.38 2.39 -4.33
CA LYS E 122 27.86 3.54 -5.10
C LYS E 122 26.80 4.02 -6.11
N GLY E 123 26.65 5.32 -6.22
CA GLY E 123 25.71 5.92 -7.14
C GLY E 123 26.21 5.91 -8.57
N PRO E 124 25.25 5.96 -9.51
CA PRO E 124 25.62 5.94 -10.93
C PRO E 124 26.01 7.30 -11.49
N SER E 125 26.79 7.29 -12.56
CA SER E 125 27.17 8.50 -13.27
C SER E 125 26.33 8.50 -14.56
N VAL E 126 25.50 9.53 -14.79
CA VAL E 126 24.64 9.58 -15.99
C VAL E 126 25.26 10.46 -17.09
N PHE E 127 25.67 9.82 -18.19
CA PHE E 127 26.29 10.44 -19.37
C PHE E 127 25.30 10.40 -20.53
N PRO E 128 25.25 11.41 -21.43
CA PRO E 128 24.27 11.35 -22.52
C PRO E 128 24.76 10.57 -23.74
N LEU E 129 23.82 10.23 -24.62
CA LEU E 129 24.02 9.55 -25.89
C LEU E 129 23.31 10.41 -26.94
N THR E 140 14.88 9.40 -38.62
CA THR E 140 14.82 8.90 -37.24
C THR E 140 16.21 8.87 -36.58
N ALA E 141 16.30 9.53 -35.44
CA ALA E 141 17.53 9.59 -34.68
C ALA E 141 17.41 8.72 -33.41
N ALA E 142 18.55 8.29 -32.88
CA ALA E 142 18.57 7.49 -31.67
C ALA E 142 19.23 8.31 -30.59
N LEU E 143 18.55 8.45 -29.45
CA LEU E 143 19.01 9.22 -28.31
C LEU E 143 18.94 8.39 -27.02
N GLY E 144 19.79 8.68 -26.04
CA GLY E 144 19.76 7.98 -24.77
C GLY E 144 20.67 8.51 -23.70
N CYS E 145 20.93 7.68 -22.69
CA CYS E 145 21.88 8.01 -21.63
C CYS E 145 22.45 6.76 -21.00
N LEU E 146 23.73 6.82 -20.73
CA LEU E 146 24.54 5.77 -20.16
C LEU E 146 24.54 5.95 -18.63
N VAL E 147 24.17 4.88 -17.88
CA VAL E 147 24.16 4.83 -16.42
C VAL E 147 25.36 3.95 -16.00
N LYS E 148 26.51 4.56 -15.68
CA LYS E 148 27.73 3.80 -15.39
C LYS E 148 28.12 3.64 -13.88
N ASP E 149 29.02 2.68 -13.58
CA ASP E 149 29.62 2.34 -12.28
C ASP E 149 28.70 2.52 -11.03
N TYR E 150 27.70 1.65 -10.86
CA TYR E 150 26.79 1.74 -9.72
C TYR E 150 26.60 0.40 -9.04
N PHE E 151 26.31 0.42 -7.74
CA PHE E 151 26.10 -0.81 -7.00
C PHE E 151 25.20 -0.53 -5.82
N PRO E 152 24.20 -1.40 -5.57
CA PRO E 152 23.85 -2.60 -6.32
C PRO E 152 22.70 -2.32 -7.30
N GLU E 153 22.13 -3.37 -7.88
CA GLU E 153 20.95 -3.25 -8.72
C GLU E 153 19.74 -3.07 -7.78
N PRO E 154 18.70 -2.35 -8.22
CA PRO E 154 18.47 -1.83 -9.56
C PRO E 154 18.47 -0.31 -9.68
N VAL E 155 18.36 0.18 -10.93
CA VAL E 155 18.15 1.58 -11.28
C VAL E 155 16.86 1.67 -12.10
N THR E 156 16.10 2.74 -11.93
CA THR E 156 14.87 2.94 -12.71
C THR E 156 15.13 4.05 -13.71
N VAL E 157 14.77 3.84 -14.98
CA VAL E 157 14.96 4.89 -16.00
C VAL E 157 13.66 5.15 -16.71
N SER E 158 13.25 6.42 -16.76
CA SER E 158 12.06 6.82 -17.49
C SER E 158 12.42 7.98 -18.46
N TRP E 159 11.58 8.21 -19.46
CA TRP E 159 11.82 9.27 -20.42
C TRP E 159 10.69 10.31 -20.39
N ASN E 160 11.05 11.58 -20.16
CA ASN E 160 10.16 12.73 -20.08
C ASN E 160 9.18 12.55 -18.93
N SER E 161 9.70 12.14 -17.76
CA SER E 161 8.91 11.85 -16.56
C SER E 161 7.76 10.86 -16.83
N GLY E 162 8.02 9.88 -17.69
CA GLY E 162 7.06 8.84 -18.05
C GLY E 162 6.19 9.12 -19.26
N ALA E 163 6.36 10.30 -19.90
CA ALA E 163 5.55 10.65 -21.08
C ALA E 163 6.00 9.90 -22.32
N LEU E 164 7.33 9.77 -22.49
CA LEU E 164 7.94 9.09 -23.61
C LEU E 164 8.16 7.61 -23.30
N THR E 165 7.32 6.74 -23.87
CA THR E 165 7.36 5.30 -23.64
C THR E 165 7.62 4.47 -24.93
N SER E 166 7.18 4.99 -26.10
CA SER E 166 7.35 4.32 -27.39
C SER E 166 8.78 4.42 -27.90
N GLY E 167 9.33 3.29 -28.33
CA GLY E 167 10.69 3.23 -28.86
C GLY E 167 11.78 3.22 -27.81
N VAL E 168 11.42 3.14 -26.53
CA VAL E 168 12.40 3.11 -25.45
C VAL E 168 12.92 1.69 -25.23
N HIS E 169 14.25 1.56 -25.10
CA HIS E 169 14.92 0.30 -24.81
C HIS E 169 15.94 0.50 -23.70
N THR E 170 15.56 0.07 -22.49
CA THR E 170 16.42 0.16 -21.33
C THR E 170 17.12 -1.19 -21.23
N PHE E 171 18.42 -1.21 -21.47
CA PHE E 171 19.18 -2.45 -21.49
C PHE E 171 19.39 -3.07 -20.12
N PRO E 172 19.43 -4.42 -20.06
CA PRO E 172 19.77 -5.07 -18.78
C PRO E 172 21.21 -4.69 -18.41
N ALA E 173 21.43 -4.31 -17.15
CA ALA E 173 22.77 -3.96 -16.69
C ALA E 173 23.73 -5.15 -16.83
N VAL E 174 25.01 -4.86 -16.89
CA VAL E 174 26.09 -5.82 -17.00
C VAL E 174 27.12 -5.59 -15.89
N LEU E 175 27.60 -6.67 -15.30
CA LEU E 175 28.57 -6.58 -14.23
C LEU E 175 29.99 -6.41 -14.77
N GLN E 176 30.61 -5.28 -14.46
CA GLN E 176 31.99 -5.00 -14.88
C GLN E 176 33.00 -5.78 -14.00
N SER E 177 34.28 -5.81 -14.40
CA SER E 177 35.35 -6.51 -13.64
C SER E 177 35.53 -5.96 -12.22
N SER E 178 35.26 -4.67 -12.06
CA SER E 178 35.37 -3.98 -10.78
C SER E 178 34.22 -4.29 -9.81
N GLY E 179 33.30 -5.18 -10.16
CA GLY E 179 32.16 -5.48 -9.31
C GLY E 179 31.08 -4.40 -9.35
N LEU E 180 31.20 -3.40 -10.24
CA LEU E 180 30.16 -2.37 -10.38
C LEU E 180 29.33 -2.65 -11.64
N TYR E 181 28.09 -2.17 -11.66
CA TYR E 181 27.21 -2.37 -12.80
C TYR E 181 27.22 -1.17 -13.75
N SER E 182 26.76 -1.39 -15.00
CA SER E 182 26.66 -0.36 -16.03
C SER E 182 25.60 -0.73 -17.06
N LEU E 183 24.75 0.24 -17.47
CA LEU E 183 23.72 0.02 -18.49
C LEU E 183 23.48 1.27 -19.42
N SER E 184 22.60 1.15 -20.46
CA SER E 184 22.18 2.25 -21.35
C SER E 184 20.67 2.19 -21.55
N SER E 185 20.01 3.36 -21.64
CA SER E 185 18.59 3.44 -21.98
C SER E 185 18.51 4.29 -23.24
N VAL E 186 17.98 3.74 -24.32
CA VAL E 186 17.90 4.47 -25.60
C VAL E 186 16.45 4.64 -26.06
N VAL E 187 16.21 5.53 -27.01
CA VAL E 187 14.91 5.80 -27.62
C VAL E 187 15.12 6.30 -29.06
N THR E 188 14.24 5.91 -29.99
CA THR E 188 14.33 6.37 -31.37
C THR E 188 13.18 7.35 -31.64
N VAL E 189 13.54 8.60 -31.83
CA VAL E 189 12.60 9.69 -32.09
C VAL E 189 12.84 10.28 -33.49
N PRO E 190 11.79 10.82 -34.15
CA PRO E 190 11.99 11.41 -35.49
C PRO E 190 13.02 12.54 -35.50
N SER E 191 13.78 12.66 -36.62
CA SER E 191 14.84 13.66 -36.77
C SER E 191 14.35 15.11 -36.78
N SER E 192 13.06 15.31 -37.10
CA SER E 192 12.43 16.63 -37.13
C SER E 192 12.21 17.17 -35.70
N SER E 193 11.83 16.28 -34.78
CA SER E 193 11.53 16.64 -33.40
C SER E 193 12.76 16.99 -32.54
N LEU E 194 13.97 17.03 -33.12
CA LEU E 194 15.17 17.34 -32.35
C LEU E 194 15.22 18.77 -31.81
N GLY E 195 14.94 19.74 -32.67
CA GLY E 195 14.95 21.14 -32.28
C GLY E 195 13.80 21.50 -31.36
N THR E 196 12.57 21.11 -31.75
CA THR E 196 11.35 21.41 -31.00
C THR E 196 11.24 20.63 -29.67
N GLN E 197 11.10 19.28 -29.69
CA GLN E 197 10.97 18.53 -28.44
C GLN E 197 12.31 18.16 -27.82
N THR E 198 12.47 18.52 -26.54
CA THR E 198 13.67 18.17 -25.78
C THR E 198 13.40 16.88 -24.99
N TYR E 199 14.45 16.11 -24.71
CA TYR E 199 14.34 14.81 -24.07
C TYR E 199 15.03 14.72 -22.73
N ILE E 200 14.35 14.16 -21.71
CA ILE E 200 14.86 14.03 -20.35
C ILE E 200 14.84 12.58 -19.87
N CYS E 201 16.00 12.03 -19.46
CA CYS E 201 16.00 10.70 -18.86
C CYS E 201 16.09 10.82 -17.36
N ASN E 202 15.19 10.17 -16.67
CA ASN E 202 15.05 10.25 -15.22
C ASN E 202 15.55 8.96 -14.60
N VAL E 203 16.75 9.00 -14.02
CA VAL E 203 17.37 7.83 -13.41
C VAL E 203 17.26 7.86 -11.89
N ASN E 204 16.69 6.79 -11.31
CA ASN E 204 16.49 6.69 -9.86
C ASN E 204 17.15 5.44 -9.25
N HIS E 205 18.28 5.65 -8.55
CA HIS E 205 19.00 4.58 -7.84
C HIS E 205 18.59 4.62 -6.36
N LYS E 206 17.44 4.02 -6.02
CA LYS E 206 16.94 3.93 -4.63
C LYS E 206 18.00 3.41 -3.64
N PRO E 207 18.80 2.36 -3.94
CA PRO E 207 19.87 1.94 -3.00
C PRO E 207 20.78 3.03 -2.45
N SER E 208 21.20 4.00 -3.28
CA SER E 208 22.05 5.09 -2.80
C SER E 208 21.30 6.45 -2.75
N ASN E 209 19.96 6.42 -2.86
CA ASN E 209 19.03 7.55 -2.91
C ASN E 209 19.41 8.58 -3.97
N THR E 210 20.03 8.13 -5.08
CA THR E 210 20.44 8.99 -6.19
C THR E 210 19.28 9.20 -7.15
N LYS E 211 19.07 10.43 -7.60
CA LYS E 211 18.03 10.80 -8.56
C LYS E 211 18.66 11.84 -9.49
N VAL E 212 18.96 11.44 -10.74
CA VAL E 212 19.61 12.32 -11.71
C VAL E 212 18.73 12.48 -12.95
N ASP E 213 18.44 13.73 -13.34
CA ASP E 213 17.63 13.99 -14.54
C ASP E 213 18.56 14.51 -15.62
N LYS E 214 18.55 13.88 -16.81
CA LYS E 214 19.47 14.28 -17.88
C LYS E 214 18.80 14.64 -19.20
N LYS E 215 18.90 15.90 -19.58
CA LYS E 215 18.38 16.37 -20.85
C LYS E 215 19.42 16.04 -21.92
N VAL E 216 18.97 15.39 -22.99
CA VAL E 216 19.84 14.92 -24.06
C VAL E 216 19.69 15.81 -25.30
N GLU E 217 20.85 16.28 -25.81
CA GLU E 217 21.01 17.13 -26.99
C GLU E 217 22.47 17.08 -27.53
N PRO E 218 22.68 17.41 -28.83
CA PRO E 218 24.04 17.29 -29.40
C PRO E 218 25.05 18.37 -29.02
N ASP F 1 14.73 -36.89 -2.98
CA ASP F 1 13.76 -36.02 -3.61
C ASP F 1 13.44 -36.45 -5.03
N ILE F 2 12.21 -36.19 -5.50
CA ILE F 2 11.84 -36.48 -6.87
C ILE F 2 12.58 -35.53 -7.78
N GLN F 3 13.06 -36.03 -8.91
CA GLN F 3 13.77 -35.19 -9.87
C GLN F 3 12.98 -35.06 -11.14
N MET F 4 12.90 -33.85 -11.66
CA MET F 4 12.14 -33.58 -12.85
C MET F 4 13.08 -33.27 -14.00
N THR F 5 13.02 -34.09 -15.05
CA THR F 5 13.82 -33.91 -16.27
C THR F 5 12.92 -33.29 -17.31
N GLN F 6 13.06 -32.01 -17.55
CA GLN F 6 12.25 -31.27 -18.50
C GLN F 6 12.98 -31.11 -19.85
N SER F 7 12.23 -31.30 -20.95
CA SER F 7 12.72 -31.25 -22.34
C SER F 7 11.80 -30.48 -23.28
N PRO F 8 12.38 -29.73 -24.23
CA PRO F 8 13.81 -29.39 -24.34
C PRO F 8 14.22 -28.28 -23.37
N SER F 9 15.51 -27.95 -23.28
CA SER F 9 15.96 -26.81 -22.47
C SER F 9 15.62 -25.48 -23.18
N SER F 10 15.54 -25.52 -24.52
CA SER F 10 15.28 -24.36 -25.35
C SER F 10 14.57 -24.76 -26.63
N LEU F 11 13.80 -23.82 -27.19
CA LEU F 11 13.15 -23.99 -28.49
C LEU F 11 12.74 -22.65 -29.03
N SER F 12 12.64 -22.55 -30.37
CA SER F 12 12.14 -21.39 -31.08
C SER F 12 11.04 -21.85 -32.01
N ALA F 13 9.92 -21.15 -32.00
CA ALA F 13 8.81 -21.49 -32.87
C ALA F 13 8.05 -20.24 -33.23
N SER F 14 7.35 -20.27 -34.38
CA SER F 14 6.64 -19.11 -34.90
C SER F 14 5.25 -18.98 -34.33
N VAL F 15 4.64 -17.79 -34.45
CA VAL F 15 3.25 -17.56 -34.08
C VAL F 15 2.35 -18.56 -34.88
N GLY F 16 1.45 -19.24 -34.17
CA GLY F 16 0.56 -20.24 -34.73
C GLY F 16 1.09 -21.65 -34.67
N ASP F 17 2.35 -21.84 -34.28
CA ASP F 17 2.92 -23.18 -34.16
C ASP F 17 2.40 -23.90 -32.91
N ARG F 18 2.61 -25.20 -32.86
CA ARG F 18 2.23 -26.03 -31.75
C ARG F 18 3.50 -26.34 -30.95
N VAL F 19 3.62 -25.78 -29.73
CA VAL F 19 4.78 -26.02 -28.89
C VAL F 19 4.48 -27.17 -27.94
N THR F 20 5.41 -28.09 -27.79
CA THR F 20 5.25 -29.23 -26.92
C THR F 20 6.47 -29.33 -26.04
N ILE F 21 6.25 -29.27 -24.72
CA ILE F 21 7.27 -29.38 -23.69
C ILE F 21 6.99 -30.64 -22.88
N THR F 22 7.98 -31.49 -22.66
CA THR F 22 7.79 -32.70 -21.87
C THR F 22 8.53 -32.60 -20.52
N CYS F 23 8.10 -33.43 -19.59
CA CYS F 23 8.71 -33.52 -18.27
C CYS F 23 8.64 -34.97 -17.81
N LYS F 24 9.75 -35.46 -17.28
CA LYS F 24 9.80 -36.83 -16.80
C LYS F 24 10.25 -36.85 -15.35
N ALA F 25 9.40 -37.40 -14.50
CA ALA F 25 9.68 -37.51 -13.09
C ALA F 25 10.48 -38.78 -12.81
N SER F 26 11.34 -38.74 -11.80
CA SER F 26 12.12 -39.91 -11.39
C SER F 26 11.28 -41.05 -10.77
N GLN F 27 10.01 -40.77 -10.43
CA GLN F 27 9.08 -41.77 -9.91
C GLN F 27 7.64 -41.29 -10.25
N ASP F 28 6.66 -42.19 -10.19
CA ASP F 28 5.23 -41.93 -10.43
C ASP F 28 4.77 -40.80 -9.52
N ILE F 29 4.26 -39.73 -10.10
CA ILE F 29 3.85 -38.57 -9.30
C ILE F 29 2.33 -38.42 -9.23
N ASP F 30 1.58 -39.46 -9.57
CA ASP F 30 0.14 -39.56 -9.39
C ASP F 30 -0.62 -38.35 -9.90
N ARG F 31 -0.16 -37.80 -11.03
CA ARG F 31 -0.77 -36.64 -11.68
C ARG F 31 -0.70 -35.31 -10.94
N TYR F 32 0.12 -35.21 -9.88
CA TYR F 32 0.29 -33.95 -9.18
C TYR F 32 1.35 -33.16 -9.97
N MET F 33 0.94 -32.73 -11.16
CA MET F 33 1.76 -32.05 -12.14
C MET F 33 1.20 -30.68 -12.46
N ALA F 34 2.05 -29.66 -12.38
CA ALA F 34 1.65 -28.32 -12.69
C ALA F 34 2.65 -27.69 -13.67
N TRP F 35 2.22 -26.66 -14.38
CA TRP F 35 3.06 -25.96 -15.34
C TRP F 35 3.02 -24.47 -15.06
N TYR F 36 4.22 -23.86 -14.95
CA TYR F 36 4.38 -22.42 -14.69
C TYR F 36 5.00 -21.69 -15.87
N GLN F 37 4.58 -20.44 -16.07
CA GLN F 37 5.10 -19.56 -17.08
C GLN F 37 5.87 -18.48 -16.32
N ASP F 38 7.17 -18.40 -16.55
CA ASP F 38 8.01 -17.42 -15.88
C ASP F 38 8.46 -16.28 -16.76
N LYS F 39 8.15 -15.06 -16.32
CA LYS F 39 8.57 -13.86 -17.05
C LYS F 39 9.46 -12.98 -16.17
N PRO F 40 10.40 -12.24 -16.81
CA PRO F 40 11.30 -11.37 -16.03
C PRO F 40 10.59 -10.37 -15.12
N GLY F 41 11.16 -10.15 -13.93
CA GLY F 41 10.65 -9.24 -12.93
C GLY F 41 9.31 -9.58 -12.34
N LYS F 42 8.79 -10.76 -12.66
CA LYS F 42 7.47 -11.17 -12.19
C LYS F 42 7.52 -12.51 -11.51
N ALA F 43 6.59 -12.73 -10.60
CA ALA F 43 6.45 -14.00 -9.92
C ALA F 43 5.94 -15.03 -10.96
N PRO F 44 6.41 -16.29 -10.91
CA PRO F 44 5.92 -17.30 -11.86
C PRO F 44 4.40 -17.39 -11.88
N ARG F 45 3.83 -17.62 -13.06
CA ARG F 45 2.38 -17.67 -13.22
C ARG F 45 1.91 -19.12 -13.47
N LEU F 46 0.95 -19.59 -12.67
CA LEU F 46 0.41 -20.94 -12.82
C LEU F 46 -0.47 -21.01 -14.05
N LEU F 47 -0.24 -22.00 -14.91
CA LEU F 47 -1.05 -22.20 -16.10
C LEU F 47 -2.00 -23.40 -15.89
N ILE F 48 -1.43 -24.50 -15.38
CA ILE F 48 -2.12 -25.76 -15.24
C ILE F 48 -1.71 -26.49 -14.00
N HIS F 49 -2.66 -27.15 -13.35
CA HIS F 49 -2.43 -27.99 -12.19
C HIS F 49 -3.19 -29.29 -12.41
N ASP F 50 -2.89 -30.32 -11.60
CA ASP F 50 -3.59 -31.58 -11.68
C ASP F 50 -3.49 -32.22 -13.08
N THR F 51 -2.33 -31.99 -13.74
CA THR F 51 -1.93 -32.50 -15.06
C THR F 51 -2.64 -31.77 -16.19
N SER F 52 -3.97 -31.55 -16.06
CA SER F 52 -4.71 -30.94 -17.15
C SER F 52 -5.73 -29.95 -16.77
N THR F 53 -5.76 -29.47 -15.54
CA THR F 53 -6.75 -28.50 -15.15
C THR F 53 -6.19 -27.15 -15.46
N LEU F 54 -6.86 -26.43 -16.34
CA LEU F 54 -6.45 -25.08 -16.68
C LEU F 54 -6.80 -24.15 -15.53
N GLN F 55 -5.87 -23.28 -15.15
CA GLN F 55 -6.12 -22.32 -14.07
C GLN F 55 -6.95 -21.16 -14.61
N SER F 56 -7.87 -20.64 -13.81
CA SER F 56 -8.72 -19.52 -14.20
C SER F 56 -7.90 -18.30 -14.67
N GLY F 57 -8.24 -17.77 -15.82
CA GLY F 57 -7.50 -16.65 -16.42
C GLY F 57 -6.47 -17.06 -17.45
N VAL F 58 -6.28 -18.36 -17.67
CA VAL F 58 -5.29 -18.88 -18.62
C VAL F 58 -5.98 -19.29 -19.92
N PRO F 59 -5.46 -18.83 -21.09
CA PRO F 59 -6.11 -19.17 -22.37
C PRO F 59 -6.11 -20.65 -22.72
N SER F 60 -7.17 -21.10 -23.44
CA SER F 60 -7.35 -22.50 -23.82
C SER F 60 -6.24 -23.10 -24.70
N ARG F 61 -5.36 -22.25 -25.28
CA ARG F 61 -4.26 -22.78 -26.07
C ARG F 61 -3.25 -23.57 -25.22
N PHE F 62 -3.19 -23.31 -23.91
CA PHE F 62 -2.35 -24.07 -23.00
C PHE F 62 -3.11 -25.30 -22.58
N SER F 63 -2.44 -26.44 -22.60
CA SER F 63 -3.08 -27.70 -22.29
C SER F 63 -2.08 -28.64 -21.67
N GLY F 64 -2.57 -29.51 -20.82
CA GLY F 64 -1.71 -30.47 -20.17
C GLY F 64 -2.19 -31.87 -20.32
N SER F 65 -1.25 -32.81 -20.23
CA SER F 65 -1.54 -34.23 -20.31
C SER F 65 -0.40 -35.01 -19.66
N GLY F 66 -0.62 -36.28 -19.41
CA GLY F 66 0.39 -37.14 -18.80
C GLY F 66 -0.20 -38.06 -17.74
N SER F 67 0.63 -38.94 -17.25
CA SER F 67 0.25 -39.94 -16.27
C SER F 67 1.54 -40.68 -15.88
N GLY F 68 1.55 -41.33 -14.72
CA GLY F 68 2.72 -42.04 -14.24
C GLY F 68 3.87 -41.09 -14.00
N ARG F 69 4.89 -41.23 -14.84
CA ARG F 69 6.10 -40.44 -14.78
C ARG F 69 6.27 -39.46 -15.92
N ASP F 70 5.38 -39.43 -16.93
CA ASP F 70 5.59 -38.64 -18.15
C ASP F 70 4.48 -37.65 -18.41
N TYR F 71 4.84 -36.37 -18.53
CA TYR F 71 3.86 -35.29 -18.68
C TYR F 71 4.23 -34.36 -19.81
N THR F 72 3.22 -33.75 -20.41
CA THR F 72 3.43 -32.85 -21.52
C THR F 72 2.61 -31.57 -21.39
N LEU F 73 3.21 -30.45 -21.71
CA LEU F 73 2.53 -29.18 -21.82
C LEU F 73 2.47 -28.87 -23.34
N THR F 74 1.28 -28.53 -23.85
CA THR F 74 1.09 -28.20 -25.22
C THR F 74 0.54 -26.78 -25.33
N ILE F 75 1.14 -25.96 -26.20
CA ILE F 75 0.64 -24.62 -26.49
C ILE F 75 0.20 -24.83 -27.94
N SER F 76 -1.11 -24.90 -28.20
CA SER F 76 -1.62 -25.25 -29.52
C SER F 76 -1.34 -24.21 -30.61
N ASN F 77 -1.55 -22.91 -30.35
CA ASN F 77 -1.33 -21.89 -31.37
C ASN F 77 -0.58 -20.76 -30.76
N LEU F 78 0.76 -20.88 -30.80
CA LEU F 78 1.72 -19.98 -30.16
C LEU F 78 1.43 -18.53 -30.42
N GLU F 79 1.40 -17.72 -29.36
CA GLU F 79 1.15 -16.28 -29.45
C GLU F 79 2.44 -15.47 -29.20
N PRO F 80 2.50 -14.18 -29.61
CA PRO F 80 3.71 -13.39 -29.35
C PRO F 80 4.00 -13.17 -27.86
N GLU F 81 2.96 -13.04 -27.03
CA GLU F 81 3.14 -12.88 -25.59
C GLU F 81 3.57 -14.19 -24.87
N ASP F 82 3.76 -15.29 -25.60
CA ASP F 82 4.12 -16.56 -25.02
C ASP F 82 5.61 -16.81 -24.90
N PHE F 83 6.47 -15.84 -25.28
CA PHE F 83 7.92 -16.00 -25.06
C PHE F 83 8.10 -15.87 -23.54
N ALA F 84 8.70 -16.88 -22.91
CA ALA F 84 8.85 -16.96 -21.46
C ALA F 84 9.67 -18.26 -21.15
N THR F 85 9.96 -18.56 -19.85
CA THR F 85 10.58 -19.81 -19.50
C THR F 85 9.51 -20.61 -18.82
N TYR F 86 9.17 -21.77 -19.37
CA TYR F 86 8.16 -22.64 -18.81
C TYR F 86 8.78 -23.66 -17.92
N TYR F 87 8.13 -23.99 -16.79
CA TYR F 87 8.65 -24.98 -15.84
C TYR F 87 7.58 -25.97 -15.43
N CYS F 88 7.90 -27.28 -15.38
CA CYS F 88 6.96 -28.22 -14.78
C CYS F 88 7.19 -28.14 -13.21
N LEU F 89 6.24 -28.62 -12.43
CA LEU F 89 6.37 -28.65 -10.97
C LEU F 89 5.59 -29.84 -10.44
N GLN F 90 6.27 -30.78 -9.78
CA GLN F 90 5.58 -31.89 -9.16
C GLN F 90 5.27 -31.49 -7.70
N TYR F 91 4.09 -31.88 -7.21
CA TYR F 91 3.70 -31.63 -5.82
C TYR F 91 3.05 -32.89 -5.22
N ASP F 92 3.59 -34.08 -5.59
CA ASP F 92 3.13 -35.34 -5.06
C ASP F 92 3.82 -35.58 -3.72
N ASN F 93 5.15 -35.41 -3.68
CA ASN F 93 5.94 -35.58 -2.49
C ASN F 93 6.84 -34.37 -2.49
N LEU F 94 6.53 -33.42 -1.60
CA LEU F 94 7.21 -32.13 -1.50
C LEU F 94 7.01 -31.38 -2.86
N TRP F 95 7.90 -30.46 -3.23
CA TRP F 95 7.80 -29.73 -4.47
C TRP F 95 9.10 -29.85 -5.21
N THR F 96 9.04 -30.04 -6.52
CA THR F 96 10.21 -30.03 -7.38
C THR F 96 9.91 -29.43 -8.72
N PHE F 97 10.61 -28.35 -9.05
CA PHE F 97 10.49 -27.72 -10.34
C PHE F 97 11.37 -28.44 -11.36
N GLY F 98 10.98 -28.41 -12.63
CA GLY F 98 11.81 -28.91 -13.71
C GLY F 98 12.88 -27.89 -14.07
N GLY F 99 13.68 -28.19 -15.10
CA GLY F 99 14.79 -27.34 -15.49
C GLY F 99 14.46 -26.07 -16.25
N GLY F 100 13.26 -26.01 -16.80
CA GLY F 100 12.84 -24.87 -17.58
C GLY F 100 13.05 -25.08 -19.08
N THR F 101 12.21 -24.42 -19.87
CA THR F 101 12.28 -24.46 -21.33
C THR F 101 12.14 -23.03 -21.80
N LYS F 102 13.21 -22.47 -22.40
CA LYS F 102 13.11 -21.11 -22.94
C LYS F 102 12.48 -21.15 -24.34
N VAL F 103 11.31 -20.53 -24.48
CA VAL F 103 10.61 -20.46 -25.73
C VAL F 103 10.86 -19.09 -26.36
N GLU F 104 11.50 -19.09 -27.53
CA GLU F 104 11.76 -17.90 -28.32
C GLU F 104 10.76 -17.83 -29.51
N ILE F 105 10.24 -16.65 -29.85
CA ILE F 105 9.32 -16.53 -30.98
C ILE F 105 10.03 -16.21 -32.31
N LYS F 106 9.92 -17.10 -33.28
CA LYS F 106 10.44 -16.99 -34.63
C LYS F 106 9.58 -16.01 -35.39
N ARG F 107 10.20 -15.19 -36.24
CA ARG F 107 9.47 -14.23 -37.05
C ARG F 107 10.29 -13.91 -38.33
N THR F 108 9.80 -12.98 -39.19
CA THR F 108 10.56 -12.64 -40.39
C THR F 108 11.88 -11.92 -40.05
N VAL F 109 12.83 -11.92 -40.98
CA VAL F 109 14.10 -11.27 -40.80
C VAL F 109 13.89 -9.79 -40.75
N ALA F 110 14.63 -9.11 -39.86
CA ALA F 110 14.60 -7.66 -39.68
C ALA F 110 16.04 -7.23 -39.43
N ALA F 111 16.58 -6.39 -40.30
CA ALA F 111 17.94 -5.90 -40.18
C ALA F 111 18.04 -4.88 -39.05
N PRO F 112 19.16 -4.85 -38.32
CA PRO F 112 19.31 -3.85 -37.26
C PRO F 112 19.65 -2.46 -37.81
N SER F 113 19.15 -1.44 -37.14
CA SER F 113 19.46 -0.06 -37.44
C SER F 113 20.65 0.24 -36.53
N VAL F 114 21.83 0.49 -37.09
CA VAL F 114 23.04 0.68 -36.29
C VAL F 114 23.37 2.16 -36.05
N PHE F 115 23.61 2.52 -34.79
CA PHE F 115 23.97 3.88 -34.41
C PHE F 115 25.16 3.82 -33.47
N ILE F 116 26.15 4.69 -33.66
CA ILE F 116 27.33 4.73 -32.79
C ILE F 116 27.30 6.01 -31.94
N PHE F 117 27.76 5.92 -30.67
CA PHE F 117 27.80 7.04 -29.72
C PHE F 117 29.19 7.29 -29.19
N PRO F 118 29.73 8.50 -29.43
CA PRO F 118 31.11 8.80 -29.01
C PRO F 118 31.30 8.84 -27.49
N PRO F 119 32.52 8.43 -27.04
CA PRO F 119 32.82 8.41 -25.59
C PRO F 119 32.60 9.74 -24.87
N GLY F 127 38.75 10.54 -16.55
CA GLY F 127 38.82 9.16 -16.09
C GLY F 127 39.34 8.19 -17.13
N THR F 128 38.42 7.41 -17.80
CA THR F 128 38.71 6.44 -18.90
C THR F 128 37.63 6.53 -20.06
N ALA F 129 37.75 5.73 -21.15
CA ALA F 129 36.83 5.87 -22.29
C ALA F 129 35.78 4.74 -22.51
N SER F 130 34.51 5.16 -22.79
CA SER F 130 33.44 4.19 -23.12
C SER F 130 32.63 4.60 -24.37
N VAL F 131 32.85 3.88 -25.47
CA VAL F 131 32.13 4.13 -26.72
C VAL F 131 31.04 3.06 -26.92
N VAL F 132 29.79 3.48 -27.19
CA VAL F 132 28.64 2.59 -27.33
C VAL F 132 28.18 2.42 -28.80
N CYS F 133 27.58 1.26 -29.13
CA CYS F 133 27.05 0.91 -30.45
C CYS F 133 25.69 0.26 -30.26
N LEU F 134 24.64 0.82 -30.86
CA LEU F 134 23.28 0.31 -30.74
C LEU F 134 22.77 -0.38 -32.02
N LEU F 135 22.31 -1.63 -31.89
CA LEU F 135 21.70 -2.41 -32.95
C LEU F 135 20.23 -2.38 -32.57
N ASN F 136 19.36 -1.70 -33.35
CA ASN F 136 17.96 -1.57 -32.95
C ASN F 136 17.01 -2.44 -33.73
N ASN F 137 16.10 -3.11 -33.00
CA ASN F 137 15.01 -3.96 -33.47
C ASN F 137 15.37 -4.92 -34.60
N PHE F 138 16.09 -5.98 -34.29
CA PHE F 138 16.48 -6.96 -35.30
C PHE F 138 15.99 -8.37 -35.00
N TYR F 139 15.94 -9.20 -36.03
CA TYR F 139 15.59 -10.61 -35.91
C TYR F 139 16.24 -11.36 -37.07
N PRO F 140 16.94 -12.48 -36.83
CA PRO F 140 17.13 -13.21 -35.54
C PRO F 140 18.16 -12.61 -34.60
N ARG F 141 18.22 -13.15 -33.37
CA ARG F 141 19.08 -12.76 -32.27
C ARG F 141 20.56 -12.72 -32.64
N GLU F 142 21.05 -13.71 -33.35
CA GLU F 142 22.44 -13.86 -33.74
C GLU F 142 23.01 -12.64 -34.48
N ALA F 143 23.95 -11.96 -33.83
CA ALA F 143 24.59 -10.79 -34.37
C ALA F 143 26.03 -10.71 -33.91
N LYS F 144 26.92 -10.23 -34.78
CA LYS F 144 28.33 -10.09 -34.41
C LYS F 144 28.74 -8.63 -34.41
N VAL F 145 29.21 -8.14 -33.27
CA VAL F 145 29.68 -6.77 -33.17
C VAL F 145 31.21 -6.84 -32.99
N GLN F 146 31.96 -6.08 -33.79
CA GLN F 146 33.40 -6.08 -33.69
C GLN F 146 33.89 -4.65 -33.62
N TRP F 147 34.66 -4.32 -32.56
CA TRP F 147 35.21 -2.98 -32.41
C TRP F 147 36.59 -2.95 -33.06
N LYS F 148 36.90 -1.81 -33.68
CA LYS F 148 38.17 -1.60 -34.35
C LYS F 148 38.62 -0.17 -34.13
N VAL F 149 39.81 -0.01 -33.58
CA VAL F 149 40.39 1.32 -33.38
C VAL F 149 41.64 1.30 -34.28
N ASP F 150 41.63 2.12 -35.35
CA ASP F 150 42.69 2.18 -36.37
C ASP F 150 42.89 0.78 -37.00
N ASN F 151 41.77 0.13 -37.38
CA ASN F 151 41.70 -1.21 -37.99
C ASN F 151 42.37 -2.32 -37.16
N ALA F 152 42.25 -2.24 -35.83
CA ALA F 152 42.82 -3.26 -34.95
C ALA F 152 41.68 -3.87 -34.13
N LEU F 153 41.51 -5.22 -34.21
CA LEU F 153 40.46 -6.01 -33.52
C LEU F 153 40.55 -5.85 -32.01
N GLN F 154 39.49 -5.32 -31.40
CA GLN F 154 39.48 -5.12 -29.95
C GLN F 154 39.04 -6.36 -29.18
N SER F 155 40.02 -7.24 -28.87
CA SER F 155 39.73 -8.46 -28.14
C SER F 155 39.80 -8.34 -26.60
N GLY F 156 38.67 -8.60 -25.94
CA GLY F 156 38.58 -8.66 -24.49
C GLY F 156 38.31 -7.38 -23.72
N ASN F 157 37.95 -6.29 -24.43
CA ASN F 157 37.66 -5.04 -23.73
C ASN F 157 36.29 -4.49 -24.07
N SER F 158 35.32 -5.39 -24.30
CA SER F 158 33.95 -4.95 -24.59
C SER F 158 32.90 -5.88 -24.00
N GLN F 159 31.79 -5.31 -23.55
CA GLN F 159 30.69 -6.09 -23.03
C GLN F 159 29.43 -5.82 -23.83
N GLU F 160 28.64 -6.87 -24.08
CA GLU F 160 27.40 -6.76 -24.85
C GLU F 160 26.20 -6.92 -23.94
N SER F 161 25.05 -6.35 -24.35
CA SER F 161 23.81 -6.44 -23.58
C SER F 161 22.62 -6.46 -24.54
N VAL F 162 21.65 -7.34 -24.29
CA VAL F 162 20.49 -7.50 -25.20
C VAL F 162 19.20 -7.38 -24.42
N THR F 163 18.16 -6.79 -25.01
CA THR F 163 16.85 -6.72 -24.39
C THR F 163 16.07 -8.02 -24.66
N GLU F 164 14.96 -8.25 -23.94
CA GLU F 164 14.09 -9.39 -24.19
C GLU F 164 13.32 -9.15 -25.52
N GLN F 165 12.68 -10.18 -26.07
CA GLN F 165 11.91 -10.03 -27.31
C GLN F 165 10.76 -9.02 -27.16
N ASP F 166 10.44 -8.27 -28.22
CA ASP F 166 9.32 -7.32 -28.16
C ASP F 166 8.00 -8.10 -27.97
N SER F 167 7.09 -7.57 -27.15
CA SER F 167 5.82 -8.24 -26.91
C SER F 167 4.99 -8.31 -28.19
N LYS F 168 5.04 -7.24 -29.01
CA LYS F 168 4.34 -7.17 -30.29
C LYS F 168 5.22 -7.69 -31.47
N ASP F 169 6.34 -6.97 -31.82
CA ASP F 169 7.27 -7.29 -32.94
C ASP F 169 7.99 -8.60 -32.86
N SER F 170 8.39 -9.06 -31.66
CA SER F 170 9.27 -10.19 -31.45
C SER F 170 10.73 -9.87 -31.85
N THR F 171 11.15 -8.60 -31.79
CA THR F 171 12.52 -8.21 -32.14
C THR F 171 13.41 -7.99 -30.90
N TYR F 172 14.73 -7.93 -31.11
CA TYR F 172 15.73 -7.69 -30.09
C TYR F 172 16.43 -6.40 -30.36
N SER F 173 17.10 -5.87 -29.38
CA SER F 173 18.00 -4.73 -29.54
C SER F 173 19.25 -5.04 -28.76
N LEU F 174 20.40 -4.57 -29.21
CA LEU F 174 21.67 -4.89 -28.58
C LEU F 174 22.55 -3.67 -28.42
N SER F 175 23.22 -3.57 -27.28
CA SER F 175 24.19 -2.52 -27.02
C SER F 175 25.55 -3.20 -26.85
N SER F 176 26.59 -2.63 -27.44
CA SER F 176 27.94 -3.10 -27.27
C SER F 176 28.72 -1.92 -26.75
N THR F 177 29.38 -2.10 -25.60
CA THR F 177 30.13 -1.01 -25.00
C THR F 177 31.59 -1.38 -24.95
N LEU F 178 32.44 -0.53 -25.56
CA LEU F 178 33.87 -0.75 -25.62
C LEU F 178 34.56 0.14 -24.60
N THR F 179 35.20 -0.47 -23.59
CA THR F 179 35.89 0.28 -22.55
C THR F 179 37.40 0.26 -22.80
N LEU F 180 38.01 1.43 -22.97
CA LEU F 180 39.45 1.55 -23.23
C LEU F 180 40.08 2.58 -22.27
N SER F 181 41.34 2.35 -21.86
CA SER F 181 42.02 3.31 -20.98
C SER F 181 42.22 4.62 -21.73
N LYS F 182 41.92 5.77 -21.11
CA LYS F 182 42.04 7.06 -21.79
C LYS F 182 43.45 7.38 -22.31
N ALA F 183 44.46 6.58 -21.93
CA ALA F 183 45.82 6.77 -22.47
C ALA F 183 45.91 6.12 -23.86
N ASP F 184 45.45 4.85 -23.99
CA ASP F 184 45.43 4.08 -25.23
C ASP F 184 44.30 4.50 -26.19
N TYR F 185 43.36 5.34 -25.72
CA TYR F 185 42.26 5.88 -26.50
C TYR F 185 42.71 7.17 -27.19
N GLU F 186 43.46 8.03 -26.46
CA GLU F 186 43.92 9.35 -26.90
C GLU F 186 44.76 9.29 -28.16
N LYS F 187 45.70 8.34 -28.23
CA LYS F 187 46.60 8.18 -29.38
C LYS F 187 45.92 7.72 -30.66
N HIS F 188 44.71 7.13 -30.55
CA HIS F 188 43.96 6.63 -31.69
C HIS F 188 42.88 7.63 -32.17
N LYS F 189 42.44 7.49 -33.43
CA LYS F 189 41.48 8.45 -34.00
C LYS F 189 40.31 7.80 -34.77
N VAL F 190 40.49 6.55 -35.24
CA VAL F 190 39.44 5.86 -35.98
C VAL F 190 38.73 4.83 -35.08
N TYR F 191 37.49 5.08 -34.65
CA TYR F 191 36.78 4.09 -33.80
C TYR F 191 35.51 3.56 -34.53
N ALA F 192 35.58 2.32 -34.96
CA ALA F 192 34.54 1.66 -35.74
C ALA F 192 33.75 0.55 -35.05
N CYS F 193 32.46 0.50 -35.33
CA CYS F 193 31.62 -0.58 -34.86
C CYS F 193 31.10 -1.38 -36.08
N GLU F 194 31.68 -2.58 -36.36
CA GLU F 194 31.31 -3.44 -37.48
C GLU F 194 30.25 -4.51 -37.13
N VAL F 195 29.05 -4.38 -37.71
CA VAL F 195 27.94 -5.28 -37.44
C VAL F 195 27.67 -6.29 -38.55
N THR F 196 27.64 -7.57 -38.19
CA THR F 196 27.34 -8.69 -39.05
C THR F 196 26.00 -9.29 -38.60
N HIS F 197 25.04 -9.37 -39.51
CA HIS F 197 23.70 -9.91 -39.24
C HIS F 197 23.15 -10.47 -40.53
N GLN F 198 22.28 -11.48 -40.42
CA GLN F 198 21.63 -12.11 -41.56
C GLN F 198 20.89 -11.10 -42.47
N GLY F 199 20.28 -10.10 -41.86
CA GLY F 199 19.55 -9.04 -42.52
C GLY F 199 20.42 -8.00 -43.20
N LEU F 200 21.74 -8.15 -43.12
CA LEU F 200 22.71 -7.26 -43.77
C LEU F 200 23.46 -8.05 -44.81
N SER F 201 23.42 -7.61 -46.09
CA SER F 201 24.12 -8.28 -47.20
C SER F 201 25.63 -8.35 -46.96
N SER F 202 26.17 -7.32 -46.34
CA SER F 202 27.58 -7.25 -45.99
C SER F 202 27.69 -6.48 -44.65
N PRO F 203 28.80 -6.64 -43.90
CA PRO F 203 28.90 -5.95 -42.60
C PRO F 203 28.68 -4.44 -42.66
N VAL F 204 27.95 -3.90 -41.69
CA VAL F 204 27.68 -2.48 -41.61
C VAL F 204 28.55 -1.81 -40.58
N THR F 205 29.32 -0.81 -41.01
CA THR F 205 30.23 -0.07 -40.14
C THR F 205 29.75 1.35 -39.90
N LYS F 206 29.66 1.71 -38.63
CA LYS F 206 29.31 3.05 -38.21
C LYS F 206 30.50 3.47 -37.36
N SER F 207 31.19 4.54 -37.75
CA SER F 207 32.41 4.95 -37.03
C SER F 207 32.56 6.46 -36.82
N PHE F 208 33.70 6.87 -36.17
CA PHE F 208 34.16 8.25 -35.92
C PHE F 208 35.56 8.31 -35.31
#